data_9B5J
#
_entry.id   9B5J
#
_cell.length_a   1.00
_cell.length_b   1.00
_cell.length_c   1.00
_cell.angle_alpha   90.00
_cell.angle_beta   90.00
_cell.angle_gamma   90.00
#
_symmetry.space_group_name_H-M   'P 1'
#
loop_
_entity.id
_entity.type
_entity.pdbx_description
1 polymer 'Ubiquitin-activating enzyme E1 1'
2 polymer 'Large ribosomal subunit protein eL40B'
3 polymer 'Ubiquitin-conjugating enzyme E2 4'
4 polymer Ubiquitin
5 non-polymer 'ADENOSINE MONOPHOSPHATE'
6 non-polymer 4-aminobutanenitrile
#
loop_
_entity_poly.entity_id
_entity_poly.type
_entity_poly.pdbx_seq_one_letter_code
_entity_poly.pdbx_strand_id
1 'polypeptide(L)'
;SNTIDEGLYSRQLYVLGHEAMKQMSQSNVLIIGCKGLGVEIAKNVCLAGVKSVTLYDPQPTRIEDLSSQYFLTEDDIGVP
RAKVTVSKLAELNQYVPVSVVDELSTEYLKNFKCVVVTETSLTKQLEINDFTHKNHIAYIAADSRGLFGSIFCDFGENFI
CTDTDGNEPLTGMIASITDDGVVTMLEETRHGLENGDFVKFTEVKGMPGLNDGTPRKVEVKGPYTFSIGSVKDLGSAGYN
GVFTQVKVPTKISFKSLRESLKDPEYVYPDFGKMMRPPQYHIAFQALSAFADAHEGSLPRPRNDIDAAEFFEFCKKIAST
LQFDVELDEKLIKEISYQARGDLVAMSAFLGGAVAQEVLKATTSKFYPLKQYFYFDSLESLPSSVTISEETCKPRGCRYD
GQIAVFGSEFQEKIASLSTFLVGAGAIGCEMLKNWAMMGVATGESGHISVTDMDSIEKSNLNRQFLFRPRDVGKLKSECA
STAVSIMNPSLTGKITSYQERVGPESEGIFGDEFFEKLSLVTNALDNVEARMYVDRRCVFFEKPLLESGTLGTKGNTQVV
VPHLTESYGSSQDPPEKSFPICTLKNFPNRIEHTIAWARDLFEGLFKQPIDNVNMYLSSPNFLETSLKTSSNPREVLENI
RDYLVTEKPLSFEECIMWARLQFDKFFNNNIQQLLFNFPKDSVTSTGQPFWSGPKRAPTPLSFDIHNREHFDFIVAAASL
YAFNYGLKSETDPAIYERVLAGYNPPPFAPKSGIKIQVNENEEAPETAANKDKQELKSIADSLPPPSSLVGFRLTPAEFE
KDDDSNHHIDFITAASNLRAMNYDITPADRFKTKFVAGKIVPAMCTSTAVVSGLVCLELVKLVDGKKKIEEYKNGFFNLA
IGLFTFSDPIASPKMKVNGKEIDKIWDRYNLPDCTLQELIDYFQKEEGLEVTMLSSGVSLLYANFQPPKKLAERLPLKIS
ELVEQITKKKLEPFRKHLVLEICCDDANGEDVEVPFICIKL
;
A
2 'polypeptide(L)' MQIFVKTLTGKTITLEVESSDTIDNVKSKIQDKEGIPPDQQRLIFAGKQLEDGRTLSDYNIQKESTLHLVLRLRGG B
3 'polypeptide(L)'
;MALKRINRELADLGKDPPSSSSAGPVGDDLFHWQATIMGPADSPYAGGVFFLSIHFPTDYPFKPPKVNFTTRIYHPNINS
NGSICLDILRDQWSPALTISKVLLSISSLLTDPNPDDPLVPEIAHVYKTDRSRYELSAREWTRKYAIGGLVPR
;
C
4 'polypeptide(L)' GSGGMQIFVKTLTGKTITLEVESSDTIDNVKSKIQDKEGIPPDQQRLIFAGKQLEDGRTLSDYNIQKESTLHLVLRLRG D
#
loop_
_chem_comp.id
_chem_comp.type
_chem_comp.name
_chem_comp.formula
A1AIV non-polymer 4-aminobutanenitrile 'C4 H8 N2'
AMP non-polymer 'ADENOSINE MONOPHOSPHATE' 'C10 H14 N5 O7 P'
#
# COMPACT_ATOMS: atom_id res chain seq x y z
N THR A 3 22.14 -8.42 -16.96
CA THR A 3 21.74 -8.01 -18.30
C THR A 3 20.21 -7.97 -18.43
N ILE A 4 19.51 -8.17 -17.32
CA ILE A 4 18.05 -8.14 -17.35
C ILE A 4 17.58 -6.75 -17.71
N ASP A 5 16.53 -6.68 -18.53
CA ASP A 5 16.00 -5.41 -18.98
C ASP A 5 15.29 -4.70 -17.84
N GLU A 6 16.01 -3.82 -17.15
CA GLU A 6 15.45 -3.13 -15.99
C GLU A 6 14.36 -2.13 -16.40
N GLY A 7 14.30 -1.75 -17.67
CA GLY A 7 13.25 -0.86 -18.13
C GLY A 7 11.90 -1.50 -18.28
N LEU A 8 11.84 -2.84 -18.24
CA LEU A 8 10.60 -3.59 -18.34
C LEU A 8 10.32 -4.42 -17.10
N TYR A 9 11.34 -5.01 -16.50
CA TYR A 9 11.19 -5.83 -15.30
C TYR A 9 11.49 -5.03 -14.03
N SER A 10 11.23 -3.73 -14.04
CA SER A 10 11.59 -2.89 -12.90
C SER A 10 10.83 -3.31 -11.64
N ARG A 11 9.53 -3.55 -11.76
CA ARG A 11 8.73 -3.91 -10.59
C ARG A 11 8.96 -5.34 -10.14
N GLN A 12 9.25 -6.24 -11.08
CA GLN A 12 9.44 -7.65 -10.75
C GLN A 12 10.79 -7.90 -10.07
N LEU A 13 11.79 -7.06 -10.36
CA LEU A 13 13.08 -7.20 -9.70
C LEU A 13 13.00 -6.85 -8.22
N TYR A 14 12.11 -5.93 -7.85
CA TYR A 14 11.92 -5.63 -6.44
C TYR A 14 11.36 -6.82 -5.68
N VAL A 15 10.74 -7.77 -6.37
CA VAL A 15 10.12 -8.93 -5.74
C VAL A 15 11.04 -10.14 -5.78
N LEU A 16 11.56 -10.48 -6.96
CA LEU A 16 12.37 -11.67 -7.11
C LEU A 16 13.84 -11.41 -6.82
N GLY A 17 14.45 -10.50 -7.58
CA GLY A 17 15.86 -10.19 -7.45
C GLY A 17 16.58 -10.35 -8.77
N HIS A 18 17.91 -10.35 -8.70
CA HIS A 18 18.74 -10.51 -9.89
C HIS A 18 19.18 -11.95 -10.11
N GLU A 19 19.66 -12.62 -9.06
CA GLU A 19 20.01 -14.04 -9.20
C GLU A 19 18.78 -14.88 -9.53
N ALA A 20 17.64 -14.56 -8.91
CA ALA A 20 16.43 -15.32 -9.17
C ALA A 20 16.03 -15.22 -10.64
N MET A 21 16.05 -14.01 -11.20
CA MET A 21 15.66 -13.85 -12.60
C MET A 21 16.73 -14.37 -13.55
N LYS A 22 18.00 -14.35 -13.14
CA LYS A 22 19.04 -14.97 -13.95
C LYS A 22 18.81 -16.47 -14.07
N GLN A 23 18.46 -17.13 -12.95
CA GLN A 23 18.13 -18.54 -13.01
C GLN A 23 16.84 -18.77 -13.79
N MET A 24 15.87 -17.86 -13.64
CA MET A 24 14.60 -18.01 -14.32
C MET A 24 14.77 -17.96 -15.83
N SER A 25 15.63 -17.05 -16.33
CA SER A 25 15.82 -16.89 -17.76
C SER A 25 16.63 -18.00 -18.40
N GLN A 26 16.99 -19.05 -17.65
CA GLN A 26 17.71 -20.21 -18.19
C GLN A 26 16.89 -21.49 -18.10
N SER A 27 15.59 -21.37 -17.87
CA SER A 27 14.72 -22.52 -17.62
C SER A 27 13.70 -22.67 -18.73
N ASN A 28 13.43 -23.92 -19.11
CA ASN A 28 12.44 -24.26 -20.11
C ASN A 28 11.21 -24.84 -19.44
N VAL A 29 10.04 -24.39 -19.91
CA VAL A 29 8.76 -24.80 -19.36
C VAL A 29 7.93 -25.43 -20.47
N LEU A 30 7.47 -26.65 -20.25
CA LEU A 30 6.54 -27.31 -21.15
C LEU A 30 5.15 -27.24 -20.54
N ILE A 31 4.15 -26.92 -21.36
CA ILE A 31 2.77 -26.78 -20.90
C ILE A 31 1.90 -27.69 -21.77
N ILE A 32 1.30 -28.70 -21.16
CA ILE A 32 0.45 -29.65 -21.85
C ILE A 32 -1.00 -29.23 -21.61
N GLY A 33 -1.72 -28.93 -22.68
CA GLY A 33 -3.07 -28.40 -22.60
C GLY A 33 -3.10 -26.91 -22.84
N CYS A 34 -3.97 -26.45 -23.74
CA CYS A 34 -4.03 -25.04 -24.13
C CYS A 34 -5.44 -24.50 -24.03
N LYS A 35 -6.17 -24.89 -22.98
CA LYS A 35 -7.46 -24.29 -22.68
C LYS A 35 -7.25 -23.13 -21.72
N GLY A 36 -8.34 -22.64 -21.11
CA GLY A 36 -8.24 -21.41 -20.34
C GLY A 36 -7.18 -21.47 -19.26
N LEU A 37 -7.13 -22.58 -18.51
CA LEU A 37 -6.11 -22.72 -17.48
C LEU A 37 -4.72 -22.75 -18.09
N GLY A 38 -4.56 -23.52 -19.17
CA GLY A 38 -3.25 -23.62 -19.79
C GLY A 38 -2.80 -22.29 -20.37
N VAL A 39 -3.71 -21.57 -21.04
CA VAL A 39 -3.33 -20.29 -21.63
C VAL A 39 -3.02 -19.26 -20.54
N GLU A 40 -3.76 -19.29 -19.43
CA GLU A 40 -3.45 -18.40 -18.33
C GLU A 40 -2.06 -18.68 -17.78
N ILE A 41 -1.74 -19.96 -17.56
CA ILE A 41 -0.41 -20.31 -17.06
C ILE A 41 0.66 -19.85 -18.04
N ALA A 42 0.45 -20.10 -19.33
CA ALA A 42 1.44 -19.72 -20.34
C ALA A 42 1.62 -18.21 -20.38
N LYS A 43 0.53 -17.45 -20.29
CA LYS A 43 0.62 -16.01 -20.29
C LYS A 43 1.43 -15.50 -19.09
N ASN A 44 1.14 -16.03 -17.91
CA ASN A 44 1.87 -15.58 -16.72
C ASN A 44 3.35 -15.96 -16.82
N VAL A 45 3.64 -17.15 -17.34
CA VAL A 45 5.03 -17.56 -17.49
C VAL A 45 5.75 -16.67 -18.50
N CYS A 46 5.12 -16.38 -19.63
CA CYS A 46 5.74 -15.53 -20.63
C CYS A 46 6.01 -14.14 -20.09
N LEU A 47 5.06 -13.57 -19.35
CA LEU A 47 5.30 -12.26 -18.74
C LEU A 47 6.38 -12.33 -17.68
N ALA A 48 6.50 -13.47 -16.99
CA ALA A 48 7.51 -13.59 -15.94
C ALA A 48 8.92 -13.51 -16.53
N GLY A 49 9.17 -14.21 -17.63
CA GLY A 49 10.44 -14.10 -18.31
C GLY A 49 11.28 -15.36 -18.36
N VAL A 50 10.66 -16.53 -18.41
CA VAL A 50 11.42 -17.78 -18.51
C VAL A 50 12.09 -17.83 -19.87
N LYS A 51 13.02 -18.79 -20.05
CA LYS A 51 13.80 -18.83 -21.28
C LYS A 51 12.90 -19.08 -22.50
N SER A 52 11.97 -20.02 -22.39
CA SER A 52 11.08 -20.32 -23.51
C SER A 52 9.92 -21.15 -22.99
N VAL A 53 8.86 -21.22 -23.79
CA VAL A 53 7.66 -21.98 -23.47
C VAL A 53 7.31 -22.83 -24.68
N THR A 54 7.00 -24.10 -24.45
CA THR A 54 6.56 -25.02 -25.49
C THR A 54 5.17 -25.51 -25.16
N LEU A 55 4.29 -25.49 -26.15
CA LEU A 55 2.89 -25.84 -25.98
C LEU A 55 2.60 -27.16 -26.69
N TYR A 56 1.72 -27.97 -26.11
CA TYR A 56 1.30 -29.22 -26.72
C TYR A 56 -0.19 -29.39 -26.53
N ASP A 57 -0.95 -29.23 -27.61
CA ASP A 57 -2.39 -29.46 -27.57
C ASP A 57 -2.92 -29.66 -28.98
N PRO A 58 -2.87 -30.89 -29.52
CA PRO A 58 -3.34 -31.12 -30.89
C PRO A 58 -4.84 -31.30 -31.04
N GLN A 59 -5.63 -31.02 -30.02
CA GLN A 59 -7.07 -31.15 -30.13
C GLN A 59 -7.63 -29.98 -30.93
N PRO A 60 -8.53 -30.23 -31.88
CA PRO A 60 -9.14 -29.10 -32.61
C PRO A 60 -9.99 -28.24 -31.71
N THR A 61 -10.07 -26.95 -32.07
CA THR A 61 -10.80 -25.99 -31.27
C THR A 61 -12.31 -26.23 -31.37
N ARG A 62 -12.99 -26.07 -30.24
CA ARG A 62 -14.44 -26.13 -30.17
C ARG A 62 -14.98 -24.83 -29.59
N ILE A 63 -16.25 -24.55 -29.86
CA ILE A 63 -16.79 -23.24 -29.52
C ILE A 63 -16.85 -23.06 -28.01
N GLU A 64 -17.24 -24.10 -27.26
CA GLU A 64 -17.31 -23.96 -25.81
C GLU A 64 -15.97 -23.54 -25.23
N ASP A 65 -14.87 -23.89 -25.89
CA ASP A 65 -13.55 -23.52 -25.38
C ASP A 65 -13.39 -22.02 -25.25
N LEU A 66 -14.18 -21.24 -25.98
CA LEU A 66 -14.11 -19.78 -25.88
C LEU A 66 -14.61 -19.26 -24.55
N SER A 67 -15.09 -20.12 -23.65
CA SER A 67 -15.57 -19.64 -22.36
C SER A 67 -14.46 -18.97 -21.56
N SER A 68 -13.26 -19.54 -21.59
CA SER A 68 -12.13 -18.98 -20.85
C SER A 68 -10.87 -18.80 -21.68
N GLN A 69 -10.84 -19.27 -22.93
CA GLN A 69 -9.70 -19.08 -23.81
C GLN A 69 -9.90 -17.78 -24.57
N TYR A 70 -9.13 -16.75 -24.22
CA TYR A 70 -9.30 -15.43 -24.81
C TYR A 70 -8.41 -15.18 -26.01
N PHE A 71 -7.57 -16.14 -26.38
CA PHE A 71 -6.79 -16.06 -27.61
C PHE A 71 -7.46 -16.83 -28.76
N LEU A 72 -8.66 -17.36 -28.54
CA LEU A 72 -9.42 -18.04 -29.56
C LEU A 72 -10.57 -17.17 -30.02
N THR A 73 -10.90 -17.26 -31.31
CA THR A 73 -12.00 -16.51 -31.90
C THR A 73 -12.88 -17.46 -32.69
N GLU A 74 -14.09 -17.00 -33.01
CA GLU A 74 -15.06 -17.86 -33.68
C GLU A 74 -14.56 -18.33 -35.05
N ASP A 75 -13.56 -17.67 -35.62
CA ASP A 75 -13.01 -18.06 -36.90
C ASP A 75 -11.92 -19.12 -36.77
N ASP A 76 -11.59 -19.55 -35.56
CA ASP A 76 -10.58 -20.56 -35.33
C ASP A 76 -11.17 -21.93 -35.01
N ILE A 77 -12.46 -22.12 -35.21
CA ILE A 77 -13.09 -23.39 -34.88
C ILE A 77 -12.62 -24.45 -35.86
N GLY A 78 -12.08 -25.55 -35.33
CA GLY A 78 -11.57 -26.64 -36.14
C GLY A 78 -10.07 -26.66 -36.30
N VAL A 79 -9.34 -25.71 -35.73
CA VAL A 79 -7.89 -25.66 -35.83
C VAL A 79 -7.31 -26.08 -34.48
N PRO A 80 -6.18 -26.79 -34.43
CA PRO A 80 -5.60 -27.17 -33.14
C PRO A 80 -5.34 -25.95 -32.26
N ARG A 81 -5.60 -26.11 -30.96
CA ARG A 81 -5.57 -24.96 -30.07
C ARG A 81 -4.17 -24.38 -29.92
N ALA A 82 -3.15 -25.24 -29.90
CA ALA A 82 -1.78 -24.73 -29.76
C ALA A 82 -1.39 -23.87 -30.95
N LYS A 83 -1.76 -24.30 -32.16
CA LYS A 83 -1.36 -23.57 -33.36
C LYS A 83 -2.00 -22.18 -33.40
N VAL A 84 -3.23 -22.05 -32.89
CA VAL A 84 -3.88 -20.75 -32.91
C VAL A 84 -3.50 -19.90 -31.70
N THR A 85 -3.01 -20.52 -30.62
CA THR A 85 -2.64 -19.76 -29.42
C THR A 85 -1.20 -19.28 -29.45
N VAL A 86 -0.32 -19.97 -30.16
CA VAL A 86 1.10 -19.60 -30.16
C VAL A 86 1.28 -18.22 -30.77
N SER A 87 0.52 -17.89 -31.82
CA SER A 87 0.67 -16.60 -32.47
C SER A 87 0.36 -15.46 -31.51
N LYS A 88 -0.71 -15.59 -30.72
CA LYS A 88 -1.05 -14.55 -29.77
C LYS A 88 -0.07 -14.52 -28.60
N LEU A 89 0.38 -15.68 -28.14
CA LEU A 89 1.29 -15.71 -26.99
C LEU A 89 2.65 -15.13 -27.35
N ALA A 90 3.08 -15.25 -28.60
CA ALA A 90 4.41 -14.81 -28.97
C ALA A 90 4.61 -13.32 -28.77
N GLU A 91 3.53 -12.54 -28.72
CA GLU A 91 3.63 -11.08 -28.63
C GLU A 91 3.79 -10.57 -27.21
N LEU A 92 3.44 -11.36 -26.20
CA LEU A 92 3.44 -10.86 -24.83
C LEU A 92 4.83 -10.39 -24.41
N ASN A 93 5.85 -11.18 -24.70
CA ASN A 93 7.22 -10.84 -24.34
C ASN A 93 8.13 -11.23 -25.50
N GLN A 94 9.01 -10.31 -25.90
CA GLN A 94 9.88 -10.55 -27.04
C GLN A 94 11.13 -11.35 -26.68
N TYR A 95 11.44 -11.50 -25.40
CA TYR A 95 12.60 -12.27 -24.97
C TYR A 95 12.26 -13.72 -24.66
N VAL A 96 11.01 -14.12 -24.80
CA VAL A 96 10.57 -15.47 -24.45
C VAL A 96 9.97 -16.14 -25.68
N PRO A 97 10.75 -16.89 -26.46
CA PRO A 97 10.17 -17.59 -27.61
C PRO A 97 9.12 -18.59 -27.16
N VAL A 98 8.06 -18.71 -27.96
CA VAL A 98 6.98 -19.66 -27.71
C VAL A 98 6.86 -20.57 -28.92
N SER A 99 6.86 -21.87 -28.67
CA SER A 99 6.91 -22.88 -29.72
C SER A 99 5.74 -23.83 -29.59
N VAL A 100 5.63 -24.76 -30.53
CA VAL A 100 4.58 -25.77 -30.55
C VAL A 100 5.19 -27.10 -30.98
N VAL A 101 4.77 -28.18 -30.32
CA VAL A 101 5.16 -29.52 -30.69
C VAL A 101 3.90 -30.30 -31.04
N ASP A 102 3.92 -30.98 -32.18
CA ASP A 102 2.77 -31.72 -32.66
C ASP A 102 2.70 -33.14 -32.12
N GLU A 103 3.72 -33.59 -31.40
CA GLU A 103 3.73 -34.94 -30.86
C GLU A 103 4.72 -35.00 -29.71
N LEU A 104 4.34 -35.73 -28.66
CA LEU A 104 5.13 -35.81 -27.43
C LEU A 104 5.62 -37.22 -27.19
N SER A 105 6.86 -37.34 -26.74
CA SER A 105 7.44 -38.61 -26.34
C SER A 105 8.05 -38.45 -24.97
N THR A 106 8.19 -39.57 -24.26
CA THR A 106 8.69 -39.52 -22.89
C THR A 106 10.13 -38.98 -22.86
N GLU A 107 11.01 -39.56 -23.67
CA GLU A 107 12.40 -39.12 -23.67
C GLU A 107 12.54 -37.65 -24.04
N TYR A 108 11.55 -37.09 -24.75
CA TYR A 108 11.58 -35.69 -25.13
C TYR A 108 11.41 -34.75 -23.94
N LEU A 109 11.00 -35.26 -22.79
CA LEU A 109 10.73 -34.42 -21.63
C LEU A 109 12.00 -33.95 -20.93
N LYS A 110 13.17 -34.48 -21.30
CA LYS A 110 14.40 -34.13 -20.61
C LYS A 110 14.91 -32.73 -20.96
N ASN A 111 14.30 -32.07 -21.95
CA ASN A 111 14.76 -30.75 -22.36
C ASN A 111 14.22 -29.63 -21.49
N PHE A 112 13.27 -29.92 -20.60
CA PHE A 112 12.51 -28.89 -19.92
C PHE A 112 12.83 -28.85 -18.43
N LYS A 113 12.89 -27.64 -17.89
CA LYS A 113 13.11 -27.47 -16.45
C LYS A 113 11.84 -27.77 -15.66
N CYS A 114 10.68 -27.40 -16.19
CA CYS A 114 9.42 -27.65 -15.50
C CYS A 114 8.38 -28.15 -16.50
N VAL A 115 7.51 -29.05 -16.05
CA VAL A 115 6.44 -29.60 -16.88
C VAL A 115 5.13 -29.36 -16.16
N VAL A 116 4.22 -28.65 -16.84
CA VAL A 116 2.89 -28.35 -16.32
C VAL A 116 1.88 -29.14 -17.14
N VAL A 117 0.95 -29.80 -16.46
CA VAL A 117 0.00 -30.71 -17.07
C VAL A 117 -1.41 -30.26 -16.74
N THR A 118 -2.23 -30.06 -17.78
CA THR A 118 -3.63 -29.75 -17.61
C THR A 118 -4.42 -30.53 -18.66
N GLU A 119 -5.70 -30.77 -18.37
CA GLU A 119 -6.58 -31.45 -19.32
C GLU A 119 -6.03 -32.81 -19.72
N THR A 120 -5.52 -33.56 -18.74
CA THR A 120 -4.93 -34.87 -19.01
C THR A 120 -5.47 -35.89 -18.02
N SER A 121 -5.67 -37.11 -18.49
CA SER A 121 -6.21 -38.17 -17.64
C SER A 121 -5.17 -38.60 -16.62
N LEU A 122 -5.63 -39.36 -15.62
CA LEU A 122 -4.75 -39.76 -14.54
C LEU A 122 -3.70 -40.76 -15.00
N THR A 123 -4.04 -41.62 -15.96
CA THR A 123 -3.06 -42.59 -16.45
C THR A 123 -1.90 -41.91 -17.16
N LYS A 124 -2.20 -40.92 -18.01
CA LYS A 124 -1.13 -40.18 -18.67
C LYS A 124 -0.29 -39.42 -17.65
N GLN A 125 -0.94 -38.84 -16.63
CA GLN A 125 -0.20 -38.15 -15.59
C GLN A 125 0.75 -39.09 -14.87
N LEU A 126 0.28 -40.29 -14.55
CA LEU A 126 1.16 -41.26 -13.90
C LEU A 126 2.32 -41.63 -14.81
N GLU A 127 2.05 -41.84 -16.09
CA GLU A 127 3.12 -42.19 -17.02
C GLU A 127 4.17 -41.08 -17.11
N ILE A 128 3.73 -39.82 -17.17
CA ILE A 128 4.67 -38.71 -17.26
C ILE A 128 5.45 -38.54 -15.96
N ASN A 129 4.75 -38.64 -14.82
CA ASN A 129 5.40 -38.40 -13.53
C ASN A 129 6.40 -39.50 -13.21
N ASP A 130 6.09 -40.75 -13.55
CA ASP A 130 7.04 -41.82 -13.30
C ASP A 130 8.38 -41.53 -13.94
N PHE A 131 8.39 -40.81 -15.06
CA PHE A 131 9.62 -40.43 -15.72
C PHE A 131 10.23 -39.17 -15.13
N THR A 132 9.42 -38.12 -14.95
CA THR A 132 9.98 -36.86 -14.48
C THR A 132 10.54 -36.98 -13.06
N HIS A 133 9.96 -37.84 -12.23
CA HIS A 133 10.41 -37.94 -10.84
C HIS A 133 11.83 -38.49 -10.76
N LYS A 134 12.09 -39.61 -11.42
CA LYS A 134 13.39 -40.24 -11.32
C LYS A 134 14.47 -39.46 -12.07
N ASN A 135 14.09 -38.60 -13.01
CA ASN A 135 15.03 -37.76 -13.74
C ASN A 135 15.10 -36.34 -13.19
N HIS A 136 14.45 -36.07 -12.06
CA HIS A 136 14.59 -34.80 -11.36
C HIS A 136 14.14 -33.63 -12.23
N ILE A 137 12.87 -33.66 -12.61
CA ILE A 137 12.22 -32.57 -13.33
C ILE A 137 10.98 -32.18 -12.54
N ALA A 138 10.79 -30.88 -12.34
CA ALA A 138 9.63 -30.41 -11.60
C ALA A 138 8.35 -30.69 -12.38
N TYR A 139 7.33 -31.19 -11.69
CA TYR A 139 6.09 -31.61 -12.30
C TYR A 139 4.93 -30.96 -11.55
N ILE A 140 4.12 -30.18 -12.27
CA ILE A 140 2.95 -29.52 -11.71
C ILE A 140 1.75 -29.97 -12.52
N ALA A 141 0.67 -30.32 -11.83
CA ALA A 141 -0.57 -30.75 -12.48
C ALA A 141 -1.73 -29.96 -11.91
N ALA A 142 -2.52 -29.34 -12.79
CA ALA A 142 -3.61 -28.47 -12.35
C ALA A 142 -4.90 -28.84 -13.05
N ASP A 143 -6.00 -28.78 -12.30
CA ASP A 143 -7.33 -29.07 -12.82
C ASP A 143 -8.32 -28.01 -12.35
N SER A 144 -9.29 -27.71 -13.22
CA SER A 144 -10.33 -26.73 -12.94
C SER A 144 -11.66 -27.29 -13.41
N ARG A 145 -12.51 -27.70 -12.47
CA ARG A 145 -13.81 -28.31 -12.76
C ARG A 145 -14.89 -27.45 -12.13
N GLY A 146 -15.54 -26.62 -12.94
CA GLY A 146 -16.59 -25.77 -12.41
C GLY A 146 -16.03 -24.81 -11.38
N LEU A 147 -16.62 -24.83 -10.19
CA LEU A 147 -16.16 -24.02 -9.07
C LEU A 147 -15.19 -24.77 -8.16
N PHE A 148 -14.53 -25.80 -8.67
CA PHE A 148 -13.55 -26.56 -7.92
C PHE A 148 -12.22 -26.53 -8.65
N GLY A 149 -11.14 -26.60 -7.90
CA GLY A 149 -9.81 -26.55 -8.48
C GLY A 149 -8.85 -27.39 -7.69
N SER A 150 -7.83 -27.91 -8.37
CA SER A 150 -6.82 -28.72 -7.72
C SER A 150 -5.45 -28.41 -8.31
N ILE A 151 -4.43 -28.41 -7.45
CA ILE A 151 -3.04 -28.24 -7.86
C ILE A 151 -2.22 -29.31 -7.16
N PHE A 152 -1.25 -29.86 -7.87
CA PHE A 152 -0.32 -30.85 -7.32
C PHE A 152 1.09 -30.52 -7.79
N CYS A 153 2.02 -30.42 -6.85
CA CYS A 153 3.41 -30.08 -7.14
C CYS A 153 4.33 -31.19 -6.67
N ASP A 154 5.31 -31.53 -7.51
CA ASP A 154 6.32 -32.53 -7.16
C ASP A 154 7.63 -32.08 -7.80
N PHE A 155 8.53 -31.52 -6.99
CA PHE A 155 9.75 -30.91 -7.47
C PHE A 155 10.97 -31.81 -7.33
N GLY A 156 10.77 -33.07 -6.98
CA GLY A 156 11.87 -34.01 -6.85
C GLY A 156 12.09 -34.42 -5.39
N GLU A 157 12.98 -35.38 -5.22
CA GLU A 157 13.24 -35.96 -3.92
C GLU A 157 14.17 -35.11 -3.06
N ASN A 158 14.91 -34.18 -3.66
CA ASN A 158 15.91 -33.40 -2.93
C ASN A 158 15.85 -31.93 -3.34
N PHE A 159 14.64 -31.36 -3.38
CA PHE A 159 14.52 -29.96 -3.74
C PHE A 159 15.24 -29.10 -2.71
N ILE A 160 15.96 -28.09 -3.19
CA ILE A 160 16.71 -27.17 -2.33
C ILE A 160 16.09 -25.79 -2.47
N CYS A 161 15.60 -25.25 -1.37
CA CYS A 161 14.97 -23.94 -1.32
C CYS A 161 15.92 -22.96 -0.64
N THR A 162 16.30 -21.91 -1.35
CA THR A 162 17.26 -20.94 -0.84
C THR A 162 16.61 -19.84 -0.02
N ASP A 163 15.40 -19.43 -0.40
CA ASP A 163 14.64 -18.43 0.34
C ASP A 163 13.27 -19.02 0.64
N THR A 164 12.92 -19.08 1.92
CA THR A 164 11.70 -19.77 2.34
C THR A 164 10.50 -18.82 2.43
N ASP A 165 10.62 -17.75 3.21
CA ASP A 165 9.49 -16.86 3.43
C ASP A 165 9.48 -15.67 2.46
N GLY A 166 10.60 -15.35 1.83
CA GLY A 166 10.66 -14.25 0.90
C GLY A 166 10.83 -12.89 1.52
N ASN A 167 10.99 -12.80 2.84
CA ASN A 167 11.15 -11.52 3.51
C ASN A 167 12.59 -11.02 3.39
N GLU A 168 12.75 -9.72 3.56
CA GLU A 168 14.08 -9.14 3.61
C GLU A 168 14.78 -9.57 4.89
N PRO A 169 16.08 -9.82 4.87
CA PRO A 169 16.78 -10.20 6.10
C PRO A 169 16.65 -9.14 7.17
N LEU A 170 16.48 -9.59 8.41
CA LEU A 170 16.31 -8.68 9.53
C LEU A 170 17.65 -8.14 10.01
N THR A 171 17.63 -6.90 10.50
CA THR A 171 18.84 -6.28 11.02
C THR A 171 18.45 -5.31 12.14
N GLY A 172 19.41 -5.03 13.01
CA GLY A 172 19.14 -4.17 14.14
C GLY A 172 20.41 -3.72 14.83
N MET A 173 20.24 -2.72 15.69
CA MET A 173 21.34 -2.11 16.43
C MET A 173 21.31 -2.56 17.88
N ILE A 174 22.44 -3.04 18.37
CA ILE A 174 22.54 -3.59 19.71
C ILE A 174 22.90 -2.48 20.68
N ALA A 175 22.63 -2.72 21.97
CA ALA A 175 23.01 -1.82 23.04
C ALA A 175 23.93 -2.46 24.07
N SER A 176 23.92 -3.78 24.21
CA SER A 176 24.83 -4.47 25.10
C SER A 176 24.71 -5.97 24.89
N ILE A 177 25.86 -6.65 24.95
CA ILE A 177 25.92 -8.11 24.90
C ILE A 177 26.67 -8.56 26.15
N THR A 178 25.97 -9.27 27.03
CA THR A 178 26.55 -9.68 28.29
C THR A 178 27.51 -10.85 28.08
N ASP A 179 28.06 -11.35 29.18
CA ASP A 179 29.04 -12.43 29.11
C ASP A 179 28.42 -13.74 28.66
N ASP A 180 27.09 -13.87 28.73
CA ASP A 180 26.40 -15.11 28.40
C ASP A 180 25.60 -14.99 27.11
N GLY A 181 25.97 -14.06 26.23
CA GLY A 181 25.32 -13.95 24.95
C GLY A 181 23.94 -13.31 24.97
N VAL A 182 23.58 -12.63 26.05
CA VAL A 182 22.28 -11.98 26.13
C VAL A 182 22.33 -10.66 25.39
N VAL A 183 22.01 -10.69 24.10
CA VAL A 183 22.02 -9.49 23.28
C VAL A 183 20.77 -8.67 23.59
N THR A 184 20.97 -7.38 23.87
CA THR A 184 19.89 -6.46 24.17
C THR A 184 19.82 -5.40 23.07
N MET A 185 18.61 -5.10 22.63
CA MET A 185 18.43 -4.08 21.59
C MET A 185 18.52 -2.69 22.22
N LEU A 186 18.42 -1.67 21.37
CA LEU A 186 18.39 -0.29 21.86
C LEU A 186 17.09 -0.04 22.61
N GLU A 187 16.94 1.18 23.10
CA GLU A 187 15.76 1.55 23.85
C GLU A 187 14.51 1.37 22.99
N GLU A 188 13.61 0.49 23.44
CA GLU A 188 12.31 0.31 22.81
C GLU A 188 12.44 0.00 21.32
N THR A 189 13.38 -0.88 20.98
CA THR A 189 13.54 -1.36 19.62
C THR A 189 13.41 -2.88 19.62
N ARG A 190 12.65 -3.41 18.66
CA ARG A 190 12.35 -4.83 18.59
C ARG A 190 13.20 -5.48 17.50
N HIS A 191 13.86 -6.59 17.87
CA HIS A 191 14.68 -7.29 16.89
C HIS A 191 13.84 -7.98 15.83
N GLY A 192 12.72 -8.59 16.23
CA GLY A 192 11.84 -9.25 15.30
C GLY A 192 12.26 -10.66 14.91
N LEU A 193 13.31 -11.19 15.50
CA LEU A 193 13.77 -12.54 15.19
C LEU A 193 12.80 -13.57 15.74
N GLU A 194 13.14 -14.85 15.55
CA GLU A 194 12.35 -15.96 16.03
C GLU A 194 13.28 -17.10 16.38
N ASN A 195 12.80 -18.01 17.21
CA ASN A 195 13.63 -19.13 17.66
C ASN A 195 14.16 -19.91 16.46
N GLY A 196 15.42 -20.30 16.56
CA GLY A 196 16.05 -21.09 15.51
C GLY A 196 16.64 -20.30 14.37
N ASP A 197 16.69 -18.97 14.48
CA ASP A 197 17.27 -18.15 13.42
C ASP A 197 18.77 -18.00 13.61
N PHE A 198 19.43 -17.50 12.55
CA PHE A 198 20.86 -17.27 12.56
C PHE A 198 21.14 -15.80 12.31
N VAL A 199 22.08 -15.24 13.06
CA VAL A 199 22.48 -13.85 12.91
C VAL A 199 24.00 -13.76 12.90
N LYS A 200 24.49 -12.67 12.31
CA LYS A 200 25.91 -12.35 12.30
C LYS A 200 26.09 -10.89 12.69
N PHE A 201 27.10 -10.62 13.51
CA PHE A 201 27.32 -9.31 14.08
C PHE A 201 28.45 -8.57 13.37
N THR A 202 28.41 -7.25 13.46
CA THR A 202 29.51 -6.41 12.99
C THR A 202 29.55 -5.16 13.85
N GLU A 203 30.73 -4.54 13.89
CA GLU A 203 30.94 -3.28 14.60
C GLU A 203 30.70 -3.43 16.10
N VAL A 204 30.93 -4.63 16.64
CA VAL A 204 30.79 -4.87 18.07
C VAL A 204 32.09 -4.48 18.76
N LYS A 205 32.01 -3.57 19.71
CA LYS A 205 33.16 -3.10 20.46
C LYS A 205 33.26 -3.85 21.78
N GLY A 206 34.45 -4.38 22.08
CA GLY A 206 34.68 -5.18 23.25
C GLY A 206 34.72 -6.67 22.97
N MET A 207 34.04 -7.11 21.92
CA MET A 207 34.05 -8.51 21.48
C MET A 207 34.28 -8.54 19.98
N PRO A 208 35.50 -8.22 19.53
CA PRO A 208 35.75 -8.19 18.08
C PRO A 208 35.53 -9.52 17.39
N GLY A 209 35.64 -10.63 18.12
CA GLY A 209 35.47 -11.93 17.48
C GLY A 209 34.12 -12.10 16.83
N LEU A 210 33.08 -11.55 17.45
CA LEU A 210 31.74 -11.67 16.89
C LEU A 210 31.61 -10.97 15.55
N ASN A 211 32.55 -10.10 15.20
CA ASN A 211 32.48 -9.39 13.93
C ASN A 211 33.02 -10.20 12.76
N ASP A 212 33.49 -11.43 13.01
CA ASP A 212 34.03 -12.25 11.92
C ASP A 212 32.96 -12.56 10.88
N GLY A 213 31.75 -12.88 11.32
CA GLY A 213 30.66 -13.19 10.44
C GLY A 213 30.16 -14.62 10.47
N THR A 214 30.44 -15.37 11.52
CA THR A 214 29.96 -16.75 11.62
C THR A 214 28.55 -16.76 12.21
N PRO A 215 27.56 -17.34 11.53
CA PRO A 215 26.20 -17.31 12.07
C PRO A 215 26.09 -18.08 13.38
N ARG A 216 25.18 -17.63 14.24
CA ARG A 216 24.95 -18.25 15.54
C ARG A 216 23.46 -18.41 15.78
N LYS A 217 23.09 -19.48 16.48
CA LYS A 217 21.69 -19.74 16.76
C LYS A 217 21.13 -18.69 17.72
N VAL A 218 19.88 -18.30 17.47
CA VAL A 218 19.20 -17.25 18.23
C VAL A 218 18.10 -17.88 19.06
N GLU A 219 18.09 -17.58 20.35
CA GLU A 219 17.05 -18.04 21.28
C GLU A 219 16.32 -16.80 21.77
N VAL A 220 15.17 -16.51 21.16
CA VAL A 220 14.42 -15.31 21.51
C VAL A 220 13.89 -15.44 22.92
N LYS A 221 14.30 -14.52 23.80
CA LYS A 221 13.84 -14.47 25.17
C LYS A 221 12.87 -13.33 25.43
N GLY A 222 12.59 -12.50 24.44
CA GLY A 222 11.68 -11.39 24.60
C GLY A 222 11.67 -10.51 23.38
N PRO A 223 10.71 -9.58 23.31
CA PRO A 223 10.63 -8.72 22.13
C PRO A 223 11.82 -7.78 21.96
N TYR A 224 12.61 -7.56 23.01
CA TYR A 224 13.72 -6.63 22.95
C TYR A 224 15.09 -7.28 23.10
N THR A 225 15.16 -8.49 23.61
CA THR A 225 16.44 -9.17 23.85
C THR A 225 16.36 -10.59 23.33
N PHE A 226 17.52 -11.14 22.99
CA PHE A 226 17.61 -12.55 22.63
C PHE A 226 18.94 -13.09 23.12
N SER A 227 19.18 -14.37 22.86
CA SER A 227 20.37 -15.06 23.33
C SER A 227 21.02 -15.81 22.18
N ILE A 228 22.35 -15.77 22.13
CA ILE A 228 23.11 -16.41 21.05
C ILE A 228 23.97 -17.56 21.54
N GLY A 229 24.16 -17.71 22.84
CA GLY A 229 24.98 -18.80 23.36
C GLY A 229 25.92 -18.34 24.45
N SER A 230 27.11 -18.94 24.49
CA SER A 230 28.14 -18.57 25.47
C SER A 230 29.31 -17.94 24.73
N VAL A 231 29.64 -16.70 25.09
CA VAL A 231 30.75 -15.99 24.47
C VAL A 231 31.78 -15.66 25.54
N LYS A 232 31.90 -16.53 26.54
CA LYS A 232 32.83 -16.29 27.63
C LYS A 232 34.25 -16.10 27.10
N ASP A 233 34.69 -16.98 26.20
CA ASP A 233 36.05 -16.90 25.70
C ASP A 233 36.26 -15.65 24.86
N LEU A 234 35.28 -15.29 24.02
CA LEU A 234 35.45 -14.17 23.12
C LEU A 234 35.63 -12.84 23.86
N GLY A 235 35.18 -12.76 25.09
CA GLY A 235 35.32 -11.51 25.84
C GLY A 235 34.46 -11.55 27.09
N SER A 236 34.34 -10.37 27.71
CA SER A 236 33.54 -10.20 28.91
C SER A 236 32.20 -9.52 28.62
N ALA A 237 32.21 -8.39 27.93
CA ALA A 237 30.98 -7.70 27.59
C ALA A 237 31.24 -6.84 26.36
N GLY A 238 30.22 -6.74 25.50
CA GLY A 238 30.31 -5.95 24.29
C GLY A 238 29.26 -4.86 24.25
N TYR A 239 29.57 -3.78 23.54
CA TYR A 239 28.67 -2.64 23.45
C TYR A 239 28.49 -2.24 21.99
N ASN A 240 27.33 -1.66 21.69
CA ASN A 240 27.05 -1.18 20.35
C ASN A 240 27.19 -2.30 19.32
N GLY A 241 27.11 -1.97 18.05
CA GLY A 241 27.19 -2.93 16.97
C GLY A 241 25.85 -3.11 16.28
N VAL A 242 25.90 -3.88 15.20
CA VAL A 242 24.73 -4.15 14.37
C VAL A 242 24.70 -5.63 14.02
N PHE A 243 23.55 -6.26 14.18
CA PHE A 243 23.34 -7.65 13.82
C PHE A 243 22.49 -7.73 12.56
N THR A 244 22.76 -8.75 11.75
CA THR A 244 22.02 -8.98 10.52
C THR A 244 21.71 -10.46 10.38
N GLN A 245 20.48 -10.77 9.98
CA GLN A 245 20.05 -12.15 9.87
C GLN A 245 20.73 -12.85 8.70
N VAL A 246 20.91 -14.17 8.84
CA VAL A 246 21.44 -15.03 7.79
C VAL A 246 20.37 -16.06 7.46
N LYS A 247 20.05 -16.20 6.18
CA LYS A 247 19.05 -17.15 5.71
C LYS A 247 19.73 -18.34 5.07
N VAL A 248 19.40 -19.54 5.54
CA VAL A 248 20.10 -20.75 5.14
C VAL A 248 19.23 -21.60 4.23
N PRO A 249 19.80 -22.40 3.33
CA PRO A 249 18.99 -23.26 2.47
C PRO A 249 18.30 -24.36 3.27
N THR A 250 17.20 -24.84 2.71
CA THR A 250 16.42 -25.93 3.28
C THR A 250 16.24 -27.01 2.23
N LYS A 251 16.12 -28.26 2.70
CA LYS A 251 15.91 -29.40 1.81
C LYS A 251 14.48 -29.88 1.98
N ILE A 252 13.68 -29.74 0.91
CA ILE A 252 12.30 -30.19 0.87
C ILE A 252 12.26 -31.46 0.02
N SER A 253 11.62 -32.50 0.53
CA SER A 253 11.53 -33.78 -0.15
C SER A 253 10.07 -34.03 -0.54
N PHE A 254 9.84 -34.26 -1.82
CA PHE A 254 8.52 -34.51 -2.35
C PHE A 254 8.34 -35.99 -2.67
N LYS A 255 7.08 -36.41 -2.78
CA LYS A 255 6.72 -37.76 -3.14
C LYS A 255 6.11 -37.77 -4.53
N SER A 256 6.28 -38.90 -5.23
CA SER A 256 5.74 -39.01 -6.57
C SER A 256 4.22 -39.05 -6.52
N LEU A 257 3.60 -38.87 -7.69
CA LEU A 257 2.15 -38.92 -7.77
C LEU A 257 1.62 -40.29 -7.37
N ARG A 258 2.28 -41.35 -7.85
CA ARG A 258 1.83 -42.70 -7.52
C ARG A 258 1.91 -42.97 -6.03
N GLU A 259 2.98 -42.51 -5.37
CA GLU A 259 3.09 -42.65 -3.93
C GLU A 259 2.21 -41.65 -3.20
N SER A 260 1.95 -40.49 -3.81
CA SER A 260 1.18 -39.44 -3.15
C SER A 260 -0.31 -39.73 -3.15
N LEU A 261 -0.81 -40.48 -4.13
CA LEU A 261 -2.24 -40.76 -4.17
C LEU A 261 -2.69 -41.53 -2.93
N LYS A 262 -1.86 -42.46 -2.46
CA LYS A 262 -2.24 -43.28 -1.31
C LYS A 262 -2.34 -42.45 -0.04
N ASP A 263 -1.32 -41.65 0.25
CA ASP A 263 -1.24 -40.85 1.47
C ASP A 263 -0.88 -39.42 1.11
N PRO A 264 -1.84 -38.62 0.68
CA PRO A 264 -1.55 -37.24 0.27
C PRO A 264 -1.26 -36.34 1.47
N GLU A 265 -0.62 -35.21 1.17
CA GLU A 265 -0.37 -34.16 2.14
C GLU A 265 -1.04 -32.89 1.62
N TYR A 266 -1.98 -32.36 2.39
CA TYR A 266 -2.86 -31.31 1.91
C TYR A 266 -2.37 -29.93 2.33
N VAL A 267 -2.66 -28.94 1.49
CA VAL A 267 -2.55 -27.53 1.83
C VAL A 267 -3.97 -26.99 1.95
N TYR A 268 -4.26 -26.32 3.06
CA TYR A 268 -5.62 -25.91 3.36
C TYR A 268 -5.81 -24.44 3.02
N PRO A 269 -6.55 -24.09 1.96
CA PRO A 269 -6.78 -22.67 1.66
C PRO A 269 -7.79 -22.02 2.58
N ASP A 270 -8.54 -22.79 3.37
CA ASP A 270 -9.50 -22.23 4.30
C ASP A 270 -9.59 -23.16 5.49
N PHE A 271 -9.38 -22.63 6.69
CA PHE A 271 -9.49 -23.43 7.90
C PHE A 271 -10.94 -23.58 8.36
N GLY A 272 -11.88 -22.87 7.76
CA GLY A 272 -13.28 -23.07 8.08
C GLY A 272 -13.84 -24.37 7.54
N LYS A 273 -13.17 -24.96 6.55
CA LYS A 273 -13.59 -26.23 5.96
C LYS A 273 -12.34 -27.10 5.83
N MET A 274 -12.04 -27.83 6.89
CA MET A 274 -10.85 -28.70 6.95
C MET A 274 -11.17 -30.15 6.62
N MET A 275 -12.43 -30.49 6.44
CA MET A 275 -12.83 -31.86 6.13
C MET A 275 -13.07 -32.08 4.64
N ARG A 276 -12.97 -31.04 3.82
CA ARG A 276 -13.31 -31.12 2.41
C ARG A 276 -12.18 -31.71 1.56
N PRO A 277 -10.93 -31.27 1.73
CA PRO A 277 -9.87 -31.69 0.80
C PRO A 277 -9.79 -33.21 0.71
N PRO A 278 -9.97 -33.95 1.80
CA PRO A 278 -10.06 -35.41 1.67
C PRO A 278 -11.21 -35.85 0.78
N GLN A 279 -12.31 -35.08 0.73
CA GLN A 279 -13.41 -35.40 -0.17
C GLN A 279 -13.01 -35.16 -1.62
N TYR A 280 -12.42 -34.00 -1.89
CA TYR A 280 -12.02 -33.68 -3.26
C TYR A 280 -10.97 -34.63 -3.77
N HIS A 281 -10.12 -35.16 -2.89
CA HIS A 281 -9.11 -36.12 -3.33
C HIS A 281 -9.77 -37.34 -3.97
N ILE A 282 -10.83 -37.86 -3.35
CA ILE A 282 -11.55 -38.98 -3.95
C ILE A 282 -12.34 -38.52 -5.17
N ALA A 283 -12.93 -37.33 -5.11
CA ALA A 283 -13.82 -36.88 -6.17
C ALA A 283 -13.09 -36.73 -7.49
N PHE A 284 -11.88 -36.14 -7.47
CA PHE A 284 -11.17 -35.91 -8.73
C PHE A 284 -10.70 -37.23 -9.34
N GLN A 285 -10.26 -38.17 -8.53
CA GLN A 285 -9.90 -39.49 -9.05
C GLN A 285 -11.13 -40.17 -9.64
N ALA A 286 -12.29 -40.05 -9.00
CA ALA A 286 -13.51 -40.61 -9.56
C ALA A 286 -13.85 -39.96 -10.88
N LEU A 287 -13.63 -38.65 -10.99
CA LEU A 287 -13.83 -37.97 -12.27
C LEU A 287 -12.96 -38.58 -13.35
N SER A 288 -11.69 -38.81 -13.03
CA SER A 288 -10.78 -39.42 -14.01
C SER A 288 -11.26 -40.80 -14.42
N ALA A 289 -11.66 -41.62 -13.45
CA ALA A 289 -12.14 -42.96 -13.77
C ALA A 289 -13.40 -42.91 -14.63
N PHE A 290 -14.32 -42.02 -14.29
CA PHE A 290 -15.55 -41.89 -15.07
C PHE A 290 -15.24 -41.50 -16.51
N ALA A 291 -14.33 -40.53 -16.69
CA ALA A 291 -13.94 -40.14 -18.03
C ALA A 291 -13.32 -41.32 -18.77
N ASP A 292 -12.49 -42.10 -18.09
CA ASP A 292 -11.88 -43.26 -18.74
C ASP A 292 -12.93 -44.30 -19.12
N ALA A 293 -14.05 -44.34 -18.41
CA ALA A 293 -15.10 -45.32 -18.68
C ALA A 293 -16.11 -44.84 -19.72
N HIS A 294 -16.00 -43.62 -20.20
CA HIS A 294 -16.95 -43.06 -21.17
C HIS A 294 -16.22 -42.33 -22.28
N GLU A 295 -15.12 -42.91 -22.76
CA GLU A 295 -14.36 -42.33 -23.88
C GLU A 295 -13.99 -40.88 -23.60
N GLY A 296 -13.59 -40.60 -22.36
CA GLY A 296 -13.17 -39.25 -22.02
C GLY A 296 -14.30 -38.25 -21.91
N SER A 297 -15.52 -38.70 -21.64
CA SER A 297 -16.67 -37.83 -21.50
C SER A 297 -16.96 -37.61 -20.02
N LEU A 298 -16.96 -36.36 -19.60
CA LEU A 298 -17.28 -36.02 -18.22
C LEU A 298 -18.79 -36.05 -17.99
N PRO A 299 -19.22 -36.09 -16.74
CA PRO A 299 -20.66 -36.07 -16.46
C PRO A 299 -21.32 -34.82 -17.03
N ARG A 300 -22.52 -35.00 -17.59
CA ARG A 300 -23.24 -33.89 -18.19
C ARG A 300 -23.75 -32.93 -17.13
N PRO A 301 -24.00 -31.67 -17.49
CA PRO A 301 -24.35 -30.67 -16.48
C PRO A 301 -25.69 -30.98 -15.82
N ARG A 302 -25.67 -31.03 -14.50
CA ARG A 302 -26.89 -31.23 -13.70
C ARG A 302 -27.63 -32.49 -14.13
N ASN A 303 -26.89 -33.54 -14.45
CA ASN A 303 -27.49 -34.82 -14.80
C ASN A 303 -27.36 -35.78 -13.63
N ASP A 304 -28.47 -36.43 -13.27
CA ASP A 304 -28.51 -37.23 -12.05
C ASP A 304 -28.04 -38.67 -12.25
N ILE A 305 -28.27 -39.24 -13.43
CA ILE A 305 -27.77 -40.59 -13.70
C ILE A 305 -26.25 -40.59 -13.67
N ASP A 306 -25.64 -39.61 -14.35
CA ASP A 306 -24.20 -39.49 -14.33
C ASP A 306 -23.69 -39.22 -12.93
N ALA A 307 -24.42 -38.42 -12.16
CA ALA A 307 -24.01 -38.16 -10.77
C ALA A 307 -24.03 -39.44 -9.95
N ALA A 308 -25.06 -40.27 -10.12
CA ALA A 308 -25.10 -41.53 -9.38
C ALA A 308 -23.96 -42.45 -9.77
N GLU A 309 -23.67 -42.56 -11.07
CA GLU A 309 -22.54 -43.38 -11.51
C GLU A 309 -21.23 -42.85 -10.96
N PHE A 310 -21.06 -41.53 -10.97
CA PHE A 310 -19.87 -40.90 -10.43
C PHE A 310 -19.71 -41.20 -8.96
N PHE A 311 -20.81 -41.16 -8.21
CA PHE A 311 -20.72 -41.46 -6.78
C PHE A 311 -20.40 -42.93 -6.54
N GLU A 312 -20.89 -43.82 -7.39
CA GLU A 312 -20.48 -45.22 -7.29
C GLU A 312 -18.97 -45.36 -7.49
N PHE A 313 -18.43 -44.65 -8.49
CA PHE A 313 -16.98 -44.65 -8.68
C PHE A 313 -16.26 -44.09 -7.46
N CYS A 314 -16.81 -43.04 -6.85
CA CYS A 314 -16.21 -42.45 -5.66
C CYS A 314 -16.15 -43.48 -4.52
N LYS A 315 -17.25 -44.20 -4.30
CA LYS A 315 -17.26 -45.23 -3.27
C LYS A 315 -16.23 -46.32 -3.56
N LYS A 316 -16.15 -46.75 -4.82
CA LYS A 316 -15.18 -47.79 -5.17
C LYS A 316 -13.76 -47.32 -4.91
N ILE A 317 -13.44 -46.09 -5.31
CA ILE A 317 -12.09 -45.56 -5.12
C ILE A 317 -11.77 -45.42 -3.64
N ALA A 318 -12.73 -44.92 -2.85
CA ALA A 318 -12.50 -44.75 -1.42
C ALA A 318 -12.25 -46.10 -0.76
N SER A 319 -13.01 -47.12 -1.15
CA SER A 319 -12.77 -48.45 -0.60
C SER A 319 -11.39 -48.98 -1.01
N THR A 320 -11.01 -48.77 -2.28
CA THR A 320 -9.74 -49.30 -2.76
C THR A 320 -8.55 -48.68 -2.03
N LEU A 321 -8.62 -47.38 -1.76
CA LEU A 321 -7.51 -46.67 -1.12
C LEU A 321 -7.57 -46.73 0.40
N GLN A 322 -8.50 -47.50 0.96
CA GLN A 322 -8.60 -47.66 2.42
C GLN A 322 -8.68 -46.31 3.12
N PHE A 323 -9.45 -45.40 2.55
CA PHE A 323 -9.69 -44.10 3.18
C PHE A 323 -10.80 -44.24 4.22
N ASP A 324 -10.47 -43.90 5.46
CA ASP A 324 -11.45 -43.91 6.55
C ASP A 324 -12.22 -42.59 6.61
N VAL A 325 -12.78 -42.20 5.46
CA VAL A 325 -13.45 -40.92 5.30
C VAL A 325 -14.89 -41.19 4.89
N GLU A 326 -15.84 -40.55 5.57
CA GLU A 326 -17.24 -40.68 5.22
C GLU A 326 -17.57 -39.68 4.12
N LEU A 327 -18.03 -40.18 2.98
CA LEU A 327 -18.23 -39.32 1.82
C LEU A 327 -19.47 -38.45 2.01
N ASP A 328 -19.30 -37.15 1.81
CA ASP A 328 -20.42 -36.22 1.83
C ASP A 328 -21.09 -36.25 0.46
N GLU A 329 -22.28 -36.84 0.38
CA GLU A 329 -22.90 -37.08 -0.91
C GLU A 329 -23.21 -35.77 -1.62
N LYS A 330 -23.72 -34.78 -0.90
CA LYS A 330 -24.09 -33.52 -1.53
C LYS A 330 -22.90 -32.87 -2.23
N LEU A 331 -21.77 -32.76 -1.53
CA LEU A 331 -20.61 -32.08 -2.08
C LEU A 331 -20.05 -32.83 -3.28
N ILE A 332 -19.96 -34.15 -3.19
CA ILE A 332 -19.41 -34.93 -4.30
C ILE A 332 -20.32 -34.84 -5.51
N LYS A 333 -21.63 -34.94 -5.31
CA LYS A 333 -22.52 -34.80 -6.45
C LYS A 333 -22.48 -33.38 -7.02
N GLU A 334 -22.20 -32.38 -6.18
CA GLU A 334 -21.98 -31.03 -6.70
C GLU A 334 -20.76 -31.00 -7.60
N ILE A 335 -19.69 -31.68 -7.21
CA ILE A 335 -18.53 -31.80 -8.09
C ILE A 335 -18.95 -32.43 -9.41
N SER A 336 -19.80 -33.45 -9.34
CA SER A 336 -20.23 -34.14 -10.56
C SER A 336 -21.01 -33.21 -11.48
N TYR A 337 -21.91 -32.40 -10.91
CA TYR A 337 -22.78 -31.56 -11.74
C TYR A 337 -21.99 -30.53 -12.52
N GLN A 338 -20.99 -29.91 -11.89
CA GLN A 338 -20.20 -28.86 -12.50
C GLN A 338 -18.94 -29.38 -13.18
N ALA A 339 -18.94 -30.66 -13.60
CA ALA A 339 -17.72 -31.24 -14.16
C ALA A 339 -17.31 -30.53 -15.44
N ARG A 340 -18.27 -30.18 -16.29
CA ARG A 340 -17.98 -29.54 -17.56
C ARG A 340 -17.92 -28.02 -17.46
N GLY A 341 -18.01 -27.46 -16.26
CA GLY A 341 -17.89 -26.03 -16.11
C GLY A 341 -16.49 -25.55 -16.43
N ASP A 342 -16.41 -24.34 -16.98
CA ASP A 342 -15.13 -23.73 -17.35
C ASP A 342 -15.29 -22.22 -17.13
N LEU A 343 -14.89 -21.76 -15.95
CA LEU A 343 -15.06 -20.37 -15.56
C LEU A 343 -13.74 -19.63 -15.70
N VAL A 344 -13.81 -18.40 -16.20
CA VAL A 344 -12.59 -17.62 -16.37
C VAL A 344 -12.02 -17.19 -15.03
N ALA A 345 -12.87 -17.06 -14.00
CA ALA A 345 -12.38 -16.64 -12.70
C ALA A 345 -11.56 -17.75 -12.04
N MET A 346 -12.08 -18.98 -12.05
CA MET A 346 -11.31 -20.09 -11.52
C MET A 346 -10.04 -20.30 -12.32
N SER A 347 -10.12 -20.16 -13.64
CA SER A 347 -8.93 -20.28 -14.47
C SER A 347 -7.89 -19.23 -14.09
N ALA A 348 -8.33 -17.99 -13.86
CA ALA A 348 -7.38 -16.94 -13.47
C ALA A 348 -6.73 -17.24 -12.13
N PHE A 349 -7.54 -17.60 -11.14
CA PHE A 349 -7.01 -17.91 -9.81
C PHE A 349 -5.98 -19.04 -9.88
N LEU A 350 -6.36 -20.16 -10.49
CA LEU A 350 -5.47 -21.32 -10.53
C LEU A 350 -4.26 -21.05 -11.43
N GLY A 351 -4.43 -20.29 -12.50
CA GLY A 351 -3.29 -19.97 -13.34
C GLY A 351 -2.27 -19.12 -12.63
N GLY A 352 -2.73 -18.13 -11.85
CA GLY A 352 -1.79 -17.36 -11.05
C GLY A 352 -1.04 -18.24 -10.07
N ALA A 353 -1.77 -19.09 -9.34
CA ALA A 353 -1.12 -19.96 -8.37
C ALA A 353 -0.11 -20.89 -9.04
N VAL A 354 -0.50 -21.52 -10.15
CA VAL A 354 0.35 -22.49 -10.81
C VAL A 354 1.56 -21.81 -11.44
N ALA A 355 1.37 -20.61 -11.99
CA ALA A 355 2.51 -19.88 -12.54
C ALA A 355 3.50 -19.51 -11.44
N GLN A 356 3.01 -19.14 -10.27
CA GLN A 356 3.92 -18.90 -9.16
C GLN A 356 4.67 -20.18 -8.80
N GLU A 357 4.00 -21.33 -8.81
CA GLU A 357 4.69 -22.59 -8.54
C GLU A 357 5.76 -22.86 -9.58
N VAL A 358 5.47 -22.56 -10.85
CA VAL A 358 6.47 -22.75 -11.90
C VAL A 358 7.69 -21.88 -11.63
N LEU A 359 7.47 -20.62 -11.24
CA LEU A 359 8.60 -19.76 -10.93
C LEU A 359 9.38 -20.29 -9.74
N LYS A 360 8.70 -20.83 -8.74
CA LYS A 360 9.40 -21.45 -7.61
C LYS A 360 10.26 -22.61 -8.08
N ALA A 361 9.73 -23.44 -8.97
CA ALA A 361 10.51 -24.58 -9.46
C ALA A 361 11.74 -24.12 -10.22
N THR A 362 11.61 -23.07 -11.05
CA THR A 362 12.74 -22.64 -11.87
C THR A 362 13.79 -21.89 -11.06
N THR A 363 13.37 -21.04 -10.11
CA THR A 363 14.29 -20.18 -9.39
C THR A 363 14.73 -20.75 -8.05
N SER A 364 14.01 -21.72 -7.50
CA SER A 364 14.33 -22.30 -6.20
C SER A 364 14.22 -21.25 -5.09
N LYS A 365 13.08 -20.57 -5.06
CA LYS A 365 12.78 -19.58 -4.03
C LYS A 365 11.40 -19.84 -3.48
N PHE A 366 11.13 -19.24 -2.31
CA PHE A 366 9.82 -19.34 -1.67
C PHE A 366 9.49 -20.79 -1.35
N TYR A 367 8.49 -21.02 -0.51
CA TYR A 367 8.17 -22.37 -0.06
C TYR A 367 7.09 -22.97 -0.95
N PRO A 368 7.36 -24.05 -1.68
CA PRO A 368 6.35 -24.58 -2.61
C PRO A 368 5.18 -25.22 -1.89
N LEU A 369 4.08 -25.36 -2.62
CA LEU A 369 2.97 -26.18 -2.13
C LEU A 369 3.46 -27.61 -1.94
N LYS A 370 3.08 -28.21 -0.81
CA LYS A 370 3.53 -29.56 -0.45
C LYS A 370 2.33 -30.31 0.12
N GLN A 371 1.60 -31.03 -0.74
CA GLN A 371 1.73 -31.11 -2.19
C GLN A 371 0.39 -30.89 -2.88
N TYR A 372 -0.69 -31.28 -2.23
CA TYR A 372 -2.02 -31.17 -2.80
C TYR A 372 -2.70 -29.89 -2.31
N PHE A 373 -3.30 -29.16 -3.24
CA PHE A 373 -4.01 -27.92 -2.93
C PHE A 373 -5.37 -28.00 -3.60
N TYR A 374 -6.41 -28.29 -2.82
CA TYR A 374 -7.78 -28.38 -3.31
C TYR A 374 -8.55 -27.16 -2.85
N PHE A 375 -9.24 -26.51 -3.78
CA PHE A 375 -9.93 -25.26 -3.53
C PHE A 375 -11.33 -25.34 -4.12
N ASP A 376 -12.26 -24.60 -3.50
CA ASP A 376 -13.60 -24.51 -4.04
C ASP A 376 -14.20 -23.16 -3.65
N SER A 377 -15.07 -22.64 -4.51
CA SER A 377 -15.79 -21.42 -4.23
C SER A 377 -17.27 -21.68 -4.36
N LEU A 378 -17.74 -22.76 -3.74
CA LEU A 378 -19.12 -23.21 -3.90
C LEU A 378 -20.13 -22.22 -3.36
N GLU A 379 -19.71 -21.23 -2.58
CA GLU A 379 -20.63 -20.21 -2.10
C GLU A 379 -21.07 -19.26 -3.20
N SER A 380 -20.46 -19.32 -4.38
CA SER A 380 -20.80 -18.46 -5.49
C SER A 380 -21.93 -19.00 -6.35
N LEU A 381 -22.38 -20.21 -6.11
CA LEU A 381 -23.41 -20.80 -6.95
C LEU A 381 -24.72 -20.03 -6.77
N PRO A 382 -25.33 -19.53 -7.83
CA PRO A 382 -26.56 -18.73 -7.67
C PRO A 382 -27.66 -19.53 -6.98
N SER A 383 -28.46 -18.81 -6.19
CA SER A 383 -29.62 -19.39 -5.54
C SER A 383 -30.92 -18.68 -5.87
N SER A 384 -30.88 -17.53 -6.55
CA SER A 384 -32.07 -16.79 -6.90
C SER A 384 -32.59 -17.12 -8.29
N VAL A 385 -31.94 -18.04 -9.00
CA VAL A 385 -32.35 -18.44 -10.34
C VAL A 385 -32.49 -19.96 -10.37
N THR A 386 -32.99 -20.46 -11.50
CA THR A 386 -33.23 -21.88 -11.67
C THR A 386 -31.99 -22.53 -12.27
N ILE A 387 -31.43 -23.51 -11.55
CA ILE A 387 -30.28 -24.27 -12.00
C ILE A 387 -30.72 -25.72 -12.09
N SER A 388 -30.96 -26.19 -13.31
CA SER A 388 -31.40 -27.55 -13.54
C SER A 388 -30.81 -28.03 -14.86
N GLU A 389 -31.07 -29.30 -15.19
CA GLU A 389 -30.56 -29.86 -16.43
C GLU A 389 -31.12 -29.11 -17.63
N GLU A 390 -32.29 -28.49 -17.49
CA GLU A 390 -32.91 -27.81 -18.62
C GLU A 390 -32.20 -26.49 -18.92
N THR A 391 -31.86 -25.72 -17.89
CA THR A 391 -31.25 -24.41 -18.07
C THR A 391 -29.74 -24.47 -18.21
N CYS A 392 -29.10 -25.59 -17.88
CA CYS A 392 -27.66 -25.72 -17.96
C CYS A 392 -27.19 -26.43 -19.22
N LYS A 393 -28.09 -26.84 -20.10
CA LYS A 393 -27.68 -27.51 -21.31
C LYS A 393 -27.01 -26.52 -22.26
N PRO A 394 -26.03 -26.97 -23.05
CA PRO A 394 -25.35 -26.05 -23.97
C PRO A 394 -26.28 -25.52 -25.04
N ARG A 395 -26.07 -24.26 -25.42
CA ARG A 395 -26.84 -23.60 -26.45
C ARG A 395 -26.05 -23.38 -27.73
N GLY A 396 -24.88 -24.01 -27.85
CA GLY A 396 -24.03 -23.80 -29.02
C GLY A 396 -23.46 -22.41 -29.12
N CYS A 397 -23.13 -21.80 -27.98
CA CYS A 397 -22.56 -20.46 -27.95
C CYS A 397 -21.22 -20.51 -27.20
N ARG A 398 -20.53 -19.37 -27.18
CA ARG A 398 -19.23 -19.30 -26.55
C ARG A 398 -19.31 -19.29 -25.03
N TYR A 399 -20.50 -19.13 -24.45
CA TYR A 399 -20.67 -19.11 -23.01
C TYR A 399 -21.11 -20.46 -22.46
N ASP A 400 -20.87 -21.55 -23.20
CA ASP A 400 -21.30 -22.86 -22.73
C ASP A 400 -20.61 -23.24 -21.43
N GLY A 401 -19.33 -22.91 -21.30
CA GLY A 401 -18.62 -23.27 -20.08
C GLY A 401 -19.22 -22.62 -18.85
N GLN A 402 -19.62 -21.36 -18.96
CA GLN A 402 -20.22 -20.67 -17.83
C GLN A 402 -21.66 -21.09 -17.61
N ILE A 403 -22.40 -21.34 -18.69
CA ILE A 403 -23.79 -21.78 -18.57
C ILE A 403 -23.87 -23.13 -17.91
N ALA A 404 -22.88 -24.00 -18.15
CA ALA A 404 -22.89 -25.32 -17.54
C ALA A 404 -22.84 -25.25 -16.02
N VAL A 405 -22.41 -24.14 -15.46
CA VAL A 405 -22.35 -23.96 -14.01
C VAL A 405 -23.50 -23.10 -13.50
N PHE A 406 -23.81 -22.00 -14.20
CA PHE A 406 -24.77 -21.02 -13.71
C PHE A 406 -26.13 -21.12 -14.38
N GLY A 407 -26.19 -21.45 -15.66
CA GLY A 407 -27.44 -21.52 -16.39
C GLY A 407 -27.65 -20.31 -17.27
N SER A 408 -28.72 -20.38 -18.07
CA SER A 408 -29.01 -19.33 -19.04
C SER A 408 -29.61 -18.09 -18.37
N GLU A 409 -30.43 -18.27 -17.35
CA GLU A 409 -31.06 -17.13 -16.68
C GLU A 409 -30.01 -16.25 -16.01
N PHE A 410 -29.05 -16.86 -15.33
CA PHE A 410 -27.97 -16.08 -14.76
C PHE A 410 -27.13 -15.42 -15.84
N GLN A 411 -27.01 -16.04 -17.01
CA GLN A 411 -26.32 -15.39 -18.12
C GLN A 411 -27.06 -14.14 -18.55
N GLU A 412 -28.39 -14.20 -18.61
CA GLU A 412 -29.16 -13.01 -18.93
C GLU A 412 -28.97 -11.93 -17.86
N LYS A 413 -28.89 -12.35 -16.59
CA LYS A 413 -28.63 -11.38 -15.53
C LYS A 413 -27.26 -10.72 -15.70
N ILE A 414 -26.24 -11.50 -16.05
CA ILE A 414 -24.89 -10.95 -16.21
C ILE A 414 -24.85 -10.01 -17.41
N ALA A 415 -25.51 -10.37 -18.50
CA ALA A 415 -25.41 -9.62 -19.74
C ALA A 415 -26.01 -8.23 -19.65
N SER A 416 -26.76 -7.93 -18.59
CA SER A 416 -27.40 -6.63 -18.42
C SER A 416 -26.82 -5.85 -17.24
N LEU A 417 -25.54 -6.07 -16.94
CA LEU A 417 -24.87 -5.32 -15.88
C LEU A 417 -24.43 -3.96 -16.39
N SER A 418 -24.39 -3.00 -15.48
CA SER A 418 -23.88 -1.66 -15.74
C SER A 418 -22.83 -1.37 -14.67
N THR A 419 -21.60 -1.76 -14.95
CA THR A 419 -20.52 -1.65 -13.98
C THR A 419 -19.73 -0.37 -14.17
N PHE A 420 -18.90 -0.04 -13.18
CA PHE A 420 -18.01 1.12 -13.27
C PHE A 420 -16.66 0.72 -12.70
N LEU A 421 -15.62 0.76 -13.53
CA LEU A 421 -14.29 0.32 -13.15
C LEU A 421 -13.38 1.54 -13.01
N VAL A 422 -12.81 1.74 -11.83
CA VAL A 422 -11.95 2.87 -11.55
C VAL A 422 -10.51 2.39 -11.62
N GLY A 423 -9.76 2.88 -12.59
CA GLY A 423 -8.40 2.46 -12.79
C GLY A 423 -8.29 1.40 -13.87
N ALA A 424 -7.26 1.49 -14.71
CA ALA A 424 -7.05 0.56 -15.82
C ALA A 424 -5.59 0.12 -15.87
N GLY A 425 -5.05 -0.25 -14.72
CA GLY A 425 -3.67 -0.71 -14.65
C GLY A 425 -3.54 -2.19 -14.89
N ALA A 426 -2.99 -2.91 -13.92
CA ALA A 426 -2.86 -4.36 -14.05
C ALA A 426 -4.15 -5.06 -13.64
N ILE A 427 -4.63 -4.77 -12.42
CA ILE A 427 -5.89 -5.35 -11.98
C ILE A 427 -7.03 -4.89 -12.89
N GLY A 428 -6.95 -3.65 -13.39
CA GLY A 428 -7.97 -3.19 -14.30
C GLY A 428 -8.02 -3.98 -15.59
N CYS A 429 -6.85 -4.27 -16.18
CA CYS A 429 -6.80 -5.08 -17.39
C CYS A 429 -7.30 -6.49 -17.13
N GLU A 430 -6.90 -7.09 -16.00
CA GLU A 430 -7.38 -8.42 -15.67
C GLU A 430 -8.90 -8.42 -15.49
N MET A 431 -9.44 -7.40 -14.83
CA MET A 431 -10.88 -7.33 -14.62
C MET A 431 -11.62 -7.17 -15.94
N LEU A 432 -11.10 -6.33 -16.83
CA LEU A 432 -11.74 -6.15 -18.13
C LEU A 432 -11.72 -7.44 -18.93
N LYS A 433 -10.60 -8.17 -18.89
CA LYS A 433 -10.55 -9.45 -19.60
C LYS A 433 -11.56 -10.44 -19.02
N ASN A 434 -11.65 -10.51 -17.69
CA ASN A 434 -12.61 -11.42 -17.07
C ASN A 434 -14.04 -11.05 -17.43
N TRP A 435 -14.35 -9.75 -17.43
CA TRP A 435 -15.69 -9.32 -17.79
C TRP A 435 -16.00 -9.63 -19.25
N ALA A 436 -15.03 -9.44 -20.14
CA ALA A 436 -15.26 -9.75 -21.54
C ALA A 436 -15.53 -11.24 -21.74
N MET A 437 -14.75 -12.09 -21.06
CA MET A 437 -14.96 -13.54 -21.19
C MET A 437 -16.28 -13.97 -20.57
N MET A 438 -16.63 -13.42 -19.40
CA MET A 438 -17.88 -13.78 -18.74
C MET A 438 -19.10 -13.30 -19.50
N GLY A 439 -18.94 -12.32 -20.39
CA GLY A 439 -20.07 -11.78 -21.11
C GLY A 439 -20.76 -10.64 -20.40
N VAL A 440 -20.05 -9.89 -19.56
CA VAL A 440 -20.66 -8.81 -18.80
C VAL A 440 -21.00 -7.66 -19.74
N ALA A 441 -22.24 -7.17 -19.64
CA ALA A 441 -22.67 -5.97 -20.34
C ALA A 441 -22.78 -6.16 -21.84
N THR A 442 -23.06 -7.38 -22.29
CA THR A 442 -23.30 -7.64 -23.70
C THR A 442 -24.78 -7.63 -24.05
N GLY A 443 -25.66 -7.34 -23.10
CA GLY A 443 -27.08 -7.27 -23.35
C GLY A 443 -27.51 -5.88 -23.78
N GLU A 444 -28.80 -5.77 -24.12
CA GLU A 444 -29.32 -4.51 -24.64
C GLU A 444 -29.31 -3.40 -23.60
N SER A 445 -29.28 -3.74 -22.31
CA SER A 445 -29.26 -2.75 -21.24
C SER A 445 -27.95 -2.74 -20.46
N GLY A 446 -26.90 -3.36 -21.01
CA GLY A 446 -25.62 -3.39 -20.35
C GLY A 446 -24.73 -2.25 -20.78
N HIS A 447 -23.67 -2.03 -20.00
CA HIS A 447 -22.72 -0.97 -20.28
C HIS A 447 -21.54 -1.13 -19.34
N ILE A 448 -20.36 -0.73 -19.81
CA ILE A 448 -19.15 -0.71 -18.99
C ILE A 448 -18.55 0.68 -19.09
N SER A 449 -18.06 1.20 -17.97
CA SER A 449 -17.41 2.49 -17.91
C SER A 449 -16.03 2.32 -17.28
N VAL A 450 -15.01 2.77 -18.00
CA VAL A 450 -13.63 2.71 -17.52
C VAL A 450 -13.13 4.14 -17.39
N THR A 451 -12.36 4.42 -16.34
CA THR A 451 -11.78 5.74 -16.15
C THR A 451 -10.34 5.60 -15.68
N ASP A 452 -9.45 6.35 -16.31
CA ASP A 452 -8.04 6.35 -15.93
C ASP A 452 -7.35 7.52 -16.63
N MET A 453 -6.62 8.33 -15.87
CA MET A 453 -6.04 9.56 -16.41
C MET A 453 -4.60 9.41 -16.88
N ASP A 454 -4.00 8.24 -16.74
CA ASP A 454 -2.61 8.04 -17.13
C ASP A 454 -2.52 7.57 -18.58
N SER A 455 -1.29 7.46 -19.05
CA SER A 455 -0.98 7.01 -20.40
C SER A 455 0.02 5.86 -20.32
N ILE A 456 0.09 5.07 -21.38
CA ILE A 456 0.89 3.86 -21.37
C ILE A 456 2.37 4.21 -21.37
N GLU A 457 3.13 3.53 -20.52
CA GLU A 457 4.57 3.67 -20.42
C GLU A 457 5.23 2.32 -20.76
N LYS A 458 6.54 2.26 -20.58
CA LYS A 458 7.31 1.07 -20.95
C LYS A 458 7.37 0.04 -19.84
N SER A 459 7.27 0.47 -18.58
CA SER A 459 7.33 -0.45 -17.45
C SER A 459 5.96 -1.04 -17.10
N ASN A 460 4.91 -0.65 -17.80
CA ASN A 460 3.57 -1.15 -17.54
C ASN A 460 3.19 -2.36 -18.39
N LEU A 461 3.91 -2.58 -19.50
CA LEU A 461 3.53 -3.65 -20.41
C LEU A 461 3.69 -5.03 -19.76
N ASN A 462 4.67 -5.18 -18.86
CA ASN A 462 5.00 -6.51 -18.36
C ASN A 462 3.84 -7.14 -17.61
N ARG A 463 3.29 -6.42 -16.62
CA ARG A 463 2.18 -6.94 -15.84
C ARG A 463 0.82 -6.57 -16.43
N GLN A 464 0.79 -5.77 -17.48
CA GLN A 464 -0.44 -5.40 -18.18
C GLN A 464 -0.33 -5.94 -19.59
N PHE A 465 -1.06 -7.02 -19.86
CA PHE A 465 -0.91 -7.78 -21.09
C PHE A 465 -1.78 -7.27 -22.23
N LEU A 466 -2.64 -6.29 -21.98
CA LEU A 466 -3.46 -5.72 -23.04
C LEU A 466 -2.77 -4.57 -23.77
N PHE A 467 -1.62 -4.12 -23.27
CA PHE A 467 -0.90 -2.98 -23.84
C PHE A 467 0.36 -3.48 -24.54
N ARG A 468 0.57 -3.03 -25.76
CA ARG A 468 1.69 -3.43 -26.59
C ARG A 468 2.66 -2.29 -26.79
N PRO A 469 3.90 -2.58 -27.17
CA PRO A 469 4.88 -1.49 -27.37
C PRO A 469 4.46 -0.49 -28.42
N ARG A 470 3.53 -0.85 -29.31
CA ARG A 470 3.01 0.11 -30.28
C ARG A 470 1.95 1.04 -29.67
N ASP A 471 1.46 0.72 -28.47
CA ASP A 471 0.47 1.54 -27.79
C ASP A 471 1.08 2.56 -26.84
N VAL A 472 2.41 2.66 -26.79
CA VAL A 472 3.05 3.59 -25.85
C VAL A 472 2.63 5.01 -26.19
N GLY A 473 2.19 5.75 -25.16
CA GLY A 473 1.78 7.12 -25.30
C GLY A 473 0.28 7.33 -25.35
N LYS A 474 -0.49 6.28 -25.65
CA LYS A 474 -1.94 6.41 -25.72
C LYS A 474 -2.54 6.36 -24.31
N LEU A 475 -3.85 6.48 -24.24
CA LEU A 475 -4.55 6.40 -22.96
C LEU A 475 -4.79 4.95 -22.59
N LYS A 476 -4.62 4.63 -21.31
CA LYS A 476 -4.79 3.26 -20.86
C LYS A 476 -6.21 2.77 -21.10
N SER A 477 -7.20 3.59 -20.77
CA SER A 477 -8.58 3.13 -20.86
C SER A 477 -8.98 2.82 -22.31
N GLU A 478 -8.59 3.68 -23.26
CA GLU A 478 -8.95 3.44 -24.65
C GLU A 478 -8.34 2.15 -25.17
N CYS A 479 -7.05 1.94 -24.88
CA CYS A 479 -6.39 0.73 -25.35
C CYS A 479 -7.00 -0.51 -24.72
N ALA A 480 -7.30 -0.46 -23.42
CA ALA A 480 -7.91 -1.61 -22.76
C ALA A 480 -9.29 -1.91 -23.37
N SER A 481 -10.09 -0.87 -23.60
CA SER A 481 -11.41 -1.10 -24.17
C SER A 481 -11.30 -1.71 -25.56
N THR A 482 -10.38 -1.21 -26.39
CA THR A 482 -10.22 -1.77 -27.73
C THR A 482 -9.76 -3.22 -27.67
N ALA A 483 -8.82 -3.52 -26.78
CA ALA A 483 -8.32 -4.89 -26.69
C ALA A 483 -9.43 -5.85 -26.27
N VAL A 484 -10.23 -5.47 -25.27
CA VAL A 484 -11.27 -6.37 -24.81
C VAL A 484 -12.43 -6.43 -25.81
N SER A 485 -12.63 -5.39 -26.62
CA SER A 485 -13.60 -5.49 -27.70
C SER A 485 -13.12 -6.42 -28.79
N ILE A 486 -11.81 -6.50 -29.00
CA ILE A 486 -11.27 -7.51 -29.91
C ILE A 486 -11.48 -8.91 -29.35
N MET A 487 -11.25 -9.08 -28.04
CA MET A 487 -11.45 -10.40 -27.44
C MET A 487 -12.89 -10.87 -27.59
N ASN A 488 -13.85 -10.04 -27.21
CA ASN A 488 -15.28 -10.36 -27.33
C ASN A 488 -15.93 -9.31 -28.22
N PRO A 489 -16.19 -9.62 -29.49
CA PRO A 489 -16.74 -8.59 -30.39
C PRO A 489 -18.07 -8.03 -29.95
N SER A 490 -18.83 -8.75 -29.11
CA SER A 490 -20.13 -8.27 -28.67
C SER A 490 -20.04 -7.02 -27.81
N LEU A 491 -18.86 -6.66 -27.33
CA LEU A 491 -18.69 -5.47 -26.50
C LEU A 491 -18.45 -4.22 -27.34
N THR A 492 -18.47 -4.32 -28.66
CA THR A 492 -18.32 -3.14 -29.49
C THR A 492 -19.48 -2.19 -29.25
N GLY A 493 -19.18 -1.01 -28.71
CA GLY A 493 -20.19 -0.02 -28.40
C GLY A 493 -20.76 -0.10 -27.00
N LYS A 494 -20.39 -1.10 -26.22
CA LYS A 494 -20.87 -1.25 -24.85
C LYS A 494 -19.88 -0.76 -23.81
N ILE A 495 -18.72 -0.24 -24.22
CA ILE A 495 -17.70 0.24 -23.31
C ILE A 495 -17.44 1.71 -23.59
N THR A 496 -17.48 2.53 -22.54
CA THR A 496 -17.16 3.94 -22.62
C THR A 496 -15.98 4.22 -21.72
N SER A 497 -14.97 4.90 -22.26
CA SER A 497 -13.73 5.16 -21.57
C SER A 497 -13.55 6.66 -21.39
N TYR A 498 -13.19 7.07 -20.17
CA TYR A 498 -12.90 8.45 -19.83
C TYR A 498 -11.44 8.58 -19.45
N GLN A 499 -10.99 9.82 -19.32
CA GLN A 499 -9.64 10.14 -18.90
C GLN A 499 -9.67 11.07 -17.70
N GLU A 500 -10.57 10.81 -16.77
CA GLU A 500 -10.82 11.68 -15.64
C GLU A 500 -10.29 11.03 -14.36
N ARG A 501 -9.55 11.80 -13.57
CA ARG A 501 -9.21 11.37 -12.23
C ARG A 501 -10.46 11.38 -11.37
N VAL A 502 -10.71 10.29 -10.65
CA VAL A 502 -11.87 10.20 -9.78
C VAL A 502 -11.52 10.87 -8.46
N GLY A 503 -12.07 12.06 -8.24
CA GLY A 503 -11.80 12.82 -7.05
C GLY A 503 -12.80 13.94 -6.88
N PRO A 504 -12.58 14.80 -5.89
CA PRO A 504 -13.56 15.88 -5.64
C PRO A 504 -13.74 16.82 -6.81
N GLU A 505 -12.78 16.91 -7.72
CA GLU A 505 -12.84 17.86 -8.83
C GLU A 505 -13.50 17.29 -10.08
N SER A 506 -13.93 16.02 -10.06
CA SER A 506 -14.57 15.41 -11.21
C SER A 506 -16.01 15.01 -10.91
N GLU A 507 -16.62 15.60 -9.89
CA GLU A 507 -17.99 15.27 -9.53
C GLU A 507 -19.00 15.82 -10.53
N GLY A 508 -18.57 16.67 -11.47
CA GLY A 508 -19.47 17.12 -12.51
C GLY A 508 -19.72 16.10 -13.60
N ILE A 509 -18.82 15.14 -13.75
CA ILE A 509 -18.95 14.07 -14.74
C ILE A 509 -19.54 12.82 -14.13
N PHE A 510 -19.02 12.40 -12.97
CA PHE A 510 -19.53 11.24 -12.25
C PHE A 510 -20.47 11.70 -11.15
N GLY A 511 -21.60 12.26 -11.58
CA GLY A 511 -22.56 12.87 -10.69
C GLY A 511 -23.70 11.95 -10.33
N ASP A 512 -24.84 12.54 -9.98
CA ASP A 512 -26.00 11.75 -9.59
C ASP A 512 -26.52 10.90 -10.74
N GLU A 513 -26.62 11.49 -11.94
CA GLU A 513 -27.15 10.74 -13.08
C GLU A 513 -26.24 9.59 -13.45
N PHE A 514 -24.93 9.81 -13.43
CA PHE A 514 -24.00 8.72 -13.75
C PHE A 514 -24.11 7.60 -12.73
N PHE A 515 -24.18 7.94 -11.44
CA PHE A 515 -24.11 6.95 -10.39
C PHE A 515 -25.45 6.27 -10.11
N GLU A 516 -26.56 6.81 -10.60
CA GLU A 516 -27.84 6.16 -10.36
C GLU A 516 -28.03 4.93 -11.24
N LYS A 517 -27.41 4.91 -12.42
CA LYS A 517 -27.60 3.83 -13.38
C LYS A 517 -26.66 2.65 -13.15
N LEU A 518 -25.62 2.81 -12.34
CA LEU A 518 -24.65 1.75 -12.17
C LEU A 518 -25.26 0.58 -11.39
N SER A 519 -24.61 -0.57 -11.52
CA SER A 519 -24.92 -1.75 -10.71
C SER A 519 -23.86 -2.02 -9.66
N LEU A 520 -22.59 -1.78 -9.97
CA LEU A 520 -21.54 -1.97 -8.99
C LEU A 520 -20.28 -1.22 -9.44
N VAL A 521 -19.40 -0.97 -8.48
CA VAL A 521 -18.16 -0.25 -8.71
C VAL A 521 -17.01 -1.15 -8.32
N THR A 522 -15.96 -1.17 -9.15
CA THR A 522 -14.78 -1.99 -8.91
C THR A 522 -13.56 -1.09 -8.89
N ASN A 523 -12.81 -1.11 -7.80
CA ASN A 523 -11.59 -0.32 -7.68
C ASN A 523 -10.38 -1.12 -8.17
N ALA A 524 -9.53 -0.46 -8.92
CA ALA A 524 -8.25 -1.00 -9.36
C ALA A 524 -7.15 0.03 -9.17
N LEU A 525 -7.17 0.69 -8.02
CA LEU A 525 -6.30 1.83 -7.75
C LEU A 525 -5.00 1.37 -7.09
N ASP A 526 -4.11 2.33 -6.83
CA ASP A 526 -2.84 2.06 -6.18
C ASP A 526 -2.56 2.99 -5.00
N ASN A 527 -3.54 3.81 -4.61
CA ASN A 527 -3.37 4.72 -3.48
C ASN A 527 -4.63 4.67 -2.62
N VAL A 528 -4.47 5.08 -1.37
CA VAL A 528 -5.55 4.95 -0.40
C VAL A 528 -6.52 6.13 -0.45
N GLU A 529 -6.06 7.32 -0.83
CA GLU A 529 -6.94 8.47 -0.86
C GLU A 529 -8.07 8.27 -1.87
N ALA A 530 -7.73 7.78 -3.06
CA ALA A 530 -8.76 7.53 -4.07
C ALA A 530 -9.69 6.41 -3.63
N ARG A 531 -9.14 5.38 -2.98
CA ARG A 531 -9.98 4.32 -2.45
C ARG A 531 -11.02 4.88 -1.47
N MET A 532 -10.57 5.73 -0.55
CA MET A 532 -11.49 6.30 0.42
C MET A 532 -12.54 7.18 -0.26
N TYR A 533 -12.13 7.96 -1.26
CA TYR A 533 -13.11 8.80 -1.95
C TYR A 533 -14.16 7.96 -2.65
N VAL A 534 -13.73 6.93 -3.39
CA VAL A 534 -14.69 6.09 -4.09
C VAL A 534 -15.58 5.37 -3.10
N ASP A 535 -15.03 4.97 -1.97
CA ASP A 535 -15.83 4.32 -0.94
C ASP A 535 -16.90 5.25 -0.40
N ARG A 536 -16.56 6.51 -0.15
CA ARG A 536 -17.55 7.47 0.32
C ARG A 536 -18.65 7.68 -0.73
N ARG A 537 -18.26 7.78 -2.00
CA ARG A 537 -19.27 7.95 -3.05
C ARG A 537 -20.20 6.75 -3.12
N CYS A 538 -19.66 5.53 -3.02
CA CYS A 538 -20.49 4.34 -3.06
C CYS A 538 -21.42 4.27 -1.86
N VAL A 539 -20.91 4.64 -0.68
CA VAL A 539 -21.75 4.65 0.52
C VAL A 539 -22.89 5.64 0.35
N PHE A 540 -22.60 6.83 -0.18
CA PHE A 540 -23.66 7.81 -0.35
C PHE A 540 -24.71 7.33 -1.36
N PHE A 541 -24.26 6.78 -2.50
CA PHE A 541 -25.18 6.34 -3.53
C PHE A 541 -25.67 4.90 -3.31
N GLU A 542 -25.15 4.20 -2.31
CA GLU A 542 -25.58 2.84 -1.99
C GLU A 542 -25.38 1.91 -3.20
N LYS A 543 -24.12 1.74 -3.58
CA LYS A 543 -23.72 0.82 -4.62
C LYS A 543 -22.74 -0.20 -4.08
N PRO A 544 -22.81 -1.46 -4.51
CA PRO A 544 -21.78 -2.43 -4.10
C PRO A 544 -20.41 -2.02 -4.62
N LEU A 545 -19.39 -2.29 -3.81
CA LEU A 545 -18.01 -1.96 -4.16
C LEU A 545 -17.14 -3.18 -4.01
N LEU A 546 -16.19 -3.34 -4.95
CA LEU A 546 -15.23 -4.43 -4.93
C LEU A 546 -13.83 -3.83 -4.88
N GLU A 547 -13.18 -3.97 -3.73
CA GLU A 547 -11.83 -3.47 -3.53
C GLU A 547 -10.83 -4.62 -3.60
N SER A 548 -9.64 -4.33 -4.11
CA SER A 548 -8.60 -5.33 -4.19
C SER A 548 -7.24 -4.63 -4.25
N GLY A 549 -6.25 -5.24 -3.62
CA GLY A 549 -4.91 -4.68 -3.63
C GLY A 549 -3.87 -5.77 -3.62
N THR A 550 -2.68 -5.42 -4.09
CA THR A 550 -1.56 -6.35 -4.16
C THR A 550 -0.29 -5.66 -3.70
N LEU A 551 0.67 -6.47 -3.27
CA LEU A 551 2.00 -5.98 -2.89
C LEU A 551 2.96 -7.15 -3.05
N GLY A 552 3.72 -7.14 -4.14
CA GLY A 552 4.62 -8.23 -4.41
C GLY A 552 3.88 -9.53 -4.58
N THR A 553 4.10 -10.47 -3.66
CA THR A 553 3.42 -11.76 -3.68
C THR A 553 2.20 -11.81 -2.77
N LYS A 554 1.87 -10.72 -2.09
CA LYS A 554 0.73 -10.66 -1.18
C LYS A 554 -0.44 -9.96 -1.86
N GLY A 555 -1.64 -10.29 -1.42
CA GLY A 555 -2.82 -9.66 -1.99
C GLY A 555 -4.02 -9.81 -1.07
N ASN A 556 -5.00 -8.93 -1.29
CA ASN A 556 -6.24 -8.98 -0.54
C ASN A 556 -7.38 -8.47 -1.42
N THR A 557 -8.58 -8.93 -1.10
CA THR A 557 -9.80 -8.49 -1.76
C THR A 557 -10.91 -8.37 -0.72
N GLN A 558 -11.70 -7.31 -0.84
CA GLN A 558 -12.78 -7.02 0.08
C GLN A 558 -14.02 -6.59 -0.71
N VAL A 559 -15.18 -6.83 -0.12
CA VAL A 559 -16.46 -6.55 -0.75
C VAL A 559 -17.29 -5.69 0.21
N VAL A 560 -17.91 -4.65 -0.32
CA VAL A 560 -18.77 -3.75 0.45
C VAL A 560 -20.17 -3.84 -0.15
N VAL A 561 -21.13 -4.22 0.67
CA VAL A 561 -22.51 -4.46 0.24
C VAL A 561 -23.41 -3.49 0.99
N PRO A 562 -24.27 -2.73 0.31
CA PRO A 562 -25.09 -1.75 1.02
C PRO A 562 -25.99 -2.38 2.07
N HIS A 563 -26.10 -1.70 3.20
CA HIS A 563 -26.98 -2.06 4.31
C HIS A 563 -26.63 -3.41 4.94
N LEU A 564 -25.51 -4.02 4.55
CA LEU A 564 -25.11 -5.31 5.07
C LEU A 564 -23.78 -5.26 5.81
N THR A 565 -22.73 -4.77 5.17
CA THR A 565 -21.39 -4.79 5.73
C THR A 565 -20.89 -3.37 5.95
N GLU A 566 -19.79 -3.27 6.69
CA GLU A 566 -19.14 -1.99 6.88
C GLU A 566 -18.43 -1.56 5.60
N SER A 567 -18.17 -0.26 5.48
CA SER A 567 -17.55 0.27 4.29
C SER A 567 -16.04 0.03 4.31
N TYR A 568 -15.36 0.45 3.26
CA TYR A 568 -13.92 0.26 3.17
C TYR A 568 -13.20 1.10 4.23
N GLY A 569 -13.69 2.30 4.50
CA GLY A 569 -13.05 3.24 5.40
C GLY A 569 -13.39 3.07 6.86
N SER A 570 -14.13 2.02 7.24
CA SER A 570 -14.46 1.79 8.63
C SER A 570 -13.34 1.16 9.42
N SER A 571 -12.24 0.76 8.77
CA SER A 571 -11.11 0.13 9.45
C SER A 571 -9.83 0.85 9.04
N GLN A 572 -8.81 0.70 9.86
CA GLN A 572 -7.55 1.40 9.68
C GLN A 572 -6.48 0.45 9.16
N ASP A 573 -5.46 1.04 8.54
CA ASP A 573 -4.28 0.33 8.07
C ASP A 573 -3.04 1.03 8.58
N PRO A 574 -1.93 0.33 8.73
CA PRO A 574 -0.71 0.97 9.21
C PRO A 574 -0.32 2.13 8.32
N PRO A 575 0.06 3.28 8.89
CA PRO A 575 0.46 4.41 8.08
C PRO A 575 1.92 4.34 7.69
N GLU A 576 2.27 5.13 6.67
CA GLU A 576 3.64 5.18 6.20
C GLU A 576 4.54 5.80 7.26
N LYS A 577 5.75 5.25 7.40
CA LYS A 577 6.67 5.73 8.42
C LYS A 577 7.20 7.11 8.05
N SER A 578 7.19 8.01 9.02
CA SER A 578 7.75 9.35 8.89
C SER A 578 8.77 9.55 10.00
N PHE A 579 10.00 9.88 9.64
CA PHE A 579 11.07 9.96 10.61
C PHE A 579 11.05 11.29 11.34
N PRO A 580 11.61 11.35 12.56
CA PRO A 580 11.69 12.63 13.27
C PRO A 580 12.50 13.64 12.48
N ILE A 581 12.11 14.91 12.60
CA ILE A 581 12.83 15.96 11.88
C ILE A 581 14.26 16.08 12.40
N CYS A 582 14.46 15.85 13.70
CA CYS A 582 15.82 15.92 14.24
C CYS A 582 16.71 14.86 13.61
N THR A 583 16.18 13.65 13.39
CA THR A 583 16.98 12.60 12.76
C THR A 583 17.29 12.92 11.31
N LEU A 584 16.29 13.34 10.55
CA LEU A 584 16.52 13.64 9.14
C LEU A 584 17.51 14.79 8.97
N LYS A 585 17.36 15.84 9.77
CA LYS A 585 18.12 17.07 9.53
C LYS A 585 19.57 16.91 9.93
N ASN A 586 19.86 16.26 11.06
CA ASN A 586 21.19 16.30 11.64
C ASN A 586 21.84 14.94 11.86
N PHE A 587 21.09 13.93 12.31
CA PHE A 587 21.67 12.68 12.79
C PHE A 587 21.01 11.49 12.10
N PRO A 588 21.26 11.31 10.80
CA PRO A 588 20.78 10.11 10.12
C PRO A 588 21.67 8.91 10.38
N ASN A 589 21.06 7.72 10.35
CA ASN A 589 21.81 6.49 10.53
C ASN A 589 21.34 5.37 9.60
N ARG A 590 20.60 5.71 8.53
CA ARG A 590 20.11 4.74 7.58
C ARG A 590 20.04 5.40 6.21
N ILE A 591 20.01 4.57 5.17
CA ILE A 591 19.95 5.12 3.82
C ILE A 591 18.60 5.78 3.56
N GLU A 592 17.53 5.29 4.19
CA GLU A 592 16.24 5.91 4.01
C GLU A 592 16.24 7.36 4.51
N HIS A 593 16.92 7.62 5.64
CA HIS A 593 17.00 8.98 6.15
C HIS A 593 17.69 9.89 5.15
N THR A 594 18.79 9.42 4.57
CA THR A 594 19.53 10.25 3.62
C THR A 594 18.73 10.47 2.34
N ILE A 595 17.98 9.47 1.90
CA ILE A 595 17.16 9.64 0.71
C ILE A 595 16.04 10.65 0.98
N ALA A 596 15.43 10.58 2.16
CA ALA A 596 14.41 11.57 2.51
C ALA A 596 15.00 12.97 2.56
N TRP A 597 16.19 13.11 3.15
CA TRP A 597 16.86 14.41 3.19
C TRP A 597 17.15 14.92 1.79
N ALA A 598 17.61 14.03 0.90
CA ALA A 598 17.92 14.43 -0.47
C ALA A 598 16.66 14.84 -1.22
N ARG A 599 15.55 14.13 -1.01
CA ARG A 599 14.29 14.52 -1.63
C ARG A 599 13.85 15.90 -1.14
N ASP A 600 13.98 16.15 0.16
CA ASP A 600 13.63 17.47 0.68
C ASP A 600 14.55 18.53 0.10
N LEU A 601 15.84 18.22 -0.06
CA LEU A 601 16.76 19.17 -0.65
C LEU A 601 16.38 19.48 -2.09
N PHE A 602 16.02 18.46 -2.86
CA PHE A 602 15.56 18.67 -4.23
C PHE A 602 14.34 19.59 -4.24
N GLU A 603 13.36 19.31 -3.37
CA GLU A 603 12.15 20.11 -3.34
C GLU A 603 12.47 21.56 -3.00
N GLY A 604 13.33 21.79 -2.02
CA GLY A 604 13.64 23.14 -1.58
C GLY A 604 14.70 23.85 -2.38
N LEU A 605 15.33 23.17 -3.33
CA LEU A 605 16.38 23.77 -4.14
C LEU A 605 16.02 23.94 -5.60
N PHE A 606 15.03 23.20 -6.11
CA PHE A 606 14.66 23.29 -7.51
C PHE A 606 13.18 23.55 -7.76
N LYS A 607 12.32 23.47 -6.74
CA LYS A 607 10.88 23.60 -6.97
C LYS A 607 10.24 24.63 -6.04
N GLN A 608 10.81 24.81 -4.85
CA GLN A 608 10.27 25.79 -3.93
C GLN A 608 10.68 27.19 -4.34
N PRO A 609 11.98 27.45 -4.58
CA PRO A 609 12.37 28.81 -4.95
C PRO A 609 11.80 29.26 -6.28
N ILE A 610 11.80 28.38 -7.29
CA ILE A 610 11.24 28.75 -8.59
C ILE A 610 9.75 29.07 -8.46
N ASP A 611 9.02 28.25 -7.71
CA ASP A 611 7.61 28.51 -7.51
C ASP A 611 7.39 29.84 -6.78
N ASN A 612 8.20 30.11 -5.76
CA ASN A 612 8.04 31.36 -5.02
C ASN A 612 8.31 32.56 -5.93
N VAL A 613 9.37 32.48 -6.75
CA VAL A 613 9.69 33.58 -7.66
C VAL A 613 8.55 33.78 -8.66
N ASN A 614 8.06 32.70 -9.26
CA ASN A 614 7.01 32.83 -10.25
C ASN A 614 5.73 33.40 -9.64
N MET A 615 5.38 32.96 -8.43
CA MET A 615 4.15 33.43 -7.81
C MET A 615 4.29 34.88 -7.32
N TYR A 616 5.50 35.30 -6.98
CA TYR A 616 5.68 36.69 -6.55
C TYR A 616 5.38 37.66 -7.69
N LEU A 617 5.82 37.32 -8.90
CA LEU A 617 5.64 38.21 -10.05
C LEU A 617 4.18 38.33 -10.47
N SER A 618 3.30 37.47 -9.98
CA SER A 618 1.88 37.49 -10.34
C SER A 618 1.00 38.04 -9.23
N SER A 619 1.22 37.64 -7.99
CA SER A 619 0.40 38.12 -6.88
C SER A 619 0.81 39.54 -6.51
N PRO A 620 -0.11 40.51 -6.53
CA PRO A 620 0.27 41.88 -6.15
C PRO A 620 0.30 42.12 -4.66
N ASN A 621 -0.40 41.30 -3.86
CA ASN A 621 -0.46 41.48 -2.42
C ASN A 621 0.19 40.31 -1.67
N PHE A 622 1.11 39.60 -2.31
CA PHE A 622 1.73 38.45 -1.66
C PHE A 622 2.50 38.86 -0.42
N LEU A 623 3.26 39.95 -0.49
CA LEU A 623 4.08 40.37 0.64
C LEU A 623 3.22 40.72 1.85
N GLU A 624 2.07 41.35 1.62
CA GLU A 624 1.21 41.76 2.72
C GLU A 624 0.83 40.56 3.59
N THR A 625 0.39 39.47 2.96
CA THR A 625 0.03 38.28 3.71
C THR A 625 1.26 37.52 4.19
N SER A 626 2.35 37.53 3.42
CA SER A 626 3.54 36.79 3.81
C SER A 626 4.16 37.35 5.09
N LEU A 627 4.17 38.67 5.24
CA LEU A 627 4.82 39.26 6.41
C LEU A 627 4.17 38.81 7.71
N LYS A 628 2.84 38.73 7.74
CA LYS A 628 2.12 38.42 8.97
C LYS A 628 1.74 36.97 9.11
N THR A 629 1.70 36.20 8.01
CA THR A 629 1.25 34.81 8.07
C THR A 629 2.40 33.83 8.22
N SER A 630 3.34 33.83 7.28
CA SER A 630 4.43 32.87 7.31
C SER A 630 5.29 33.09 8.54
N SER A 631 5.79 31.98 9.09
CA SER A 631 6.61 32.06 10.30
C SER A 631 7.93 32.78 10.04
N ASN A 632 8.54 32.54 8.88
CA ASN A 632 9.86 33.10 8.55
C ASN A 632 9.79 33.74 7.17
N PRO A 633 9.20 34.95 7.07
CA PRO A 633 9.19 35.65 5.78
C PRO A 633 10.59 36.00 5.28
N ARG A 634 11.57 36.09 6.18
CA ARG A 634 12.94 36.39 5.77
C ARG A 634 13.43 35.37 4.76
N GLU A 635 13.14 34.09 4.99
CA GLU A 635 13.55 33.05 4.05
C GLU A 635 12.92 33.28 2.68
N VAL A 636 11.63 33.64 2.64
CA VAL A 636 10.97 33.86 1.37
C VAL A 636 11.59 35.03 0.63
N LEU A 637 11.84 36.13 1.33
CA LEU A 637 12.44 37.30 0.70
C LEU A 637 13.82 36.96 0.15
N GLU A 638 14.65 36.28 0.95
CA GLU A 638 15.98 35.93 0.50
C GLU A 638 15.93 34.98 -0.70
N ASN A 639 14.99 34.05 -0.69
CA ASN A 639 14.86 33.12 -1.81
C ASN A 639 14.50 33.86 -3.09
N ILE A 640 13.51 34.77 -3.00
CA ILE A 640 13.12 35.54 -4.17
C ILE A 640 14.31 36.34 -4.69
N ARG A 641 15.00 37.05 -3.80
CA ARG A 641 16.15 37.83 -4.23
C ARG A 641 17.18 36.95 -4.92
N ASP A 642 17.58 35.86 -4.27
CA ASP A 642 18.68 35.04 -4.77
C ASP A 642 18.34 34.41 -6.10
N TYR A 643 17.11 33.92 -6.27
CA TYR A 643 16.73 33.23 -7.49
C TYR A 643 16.15 34.16 -8.54
N LEU A 644 16.06 35.46 -8.27
CA LEU A 644 15.61 36.42 -9.27
C LEU A 644 16.73 37.32 -9.78
N VAL A 645 17.47 37.98 -8.89
CA VAL A 645 18.41 39.04 -9.27
C VAL A 645 19.85 38.66 -8.93
N THR A 646 20.09 38.21 -7.70
CA THR A 646 21.46 38.06 -7.22
C THR A 646 22.21 36.99 -8.00
N GLU A 647 21.55 35.89 -8.34
CA GLU A 647 22.21 34.73 -8.93
C GLU A 647 21.49 34.28 -10.20
N LYS A 648 21.21 35.22 -11.09
CA LYS A 648 20.60 34.89 -12.37
C LYS A 648 21.68 34.43 -13.34
N PRO A 649 21.68 33.17 -13.78
CA PRO A 649 22.72 32.71 -14.71
C PRO A 649 22.36 32.95 -16.16
N LEU A 650 23.40 32.93 -17.01
CA LEU A 650 23.25 33.12 -18.45
C LEU A 650 23.96 32.03 -19.22
N SER A 651 25.03 31.47 -18.66
CA SER A 651 25.83 30.45 -19.28
C SER A 651 25.85 29.20 -18.41
N PHE A 652 26.56 28.17 -18.88
CA PHE A 652 26.64 26.91 -18.15
C PHE A 652 27.84 26.82 -17.23
N GLU A 653 28.91 27.58 -17.51
CA GLU A 653 30.05 27.58 -16.60
C GLU A 653 29.64 28.08 -15.22
N GLU A 654 28.84 29.14 -15.17
CA GLU A 654 28.35 29.62 -13.88
C GLU A 654 27.39 28.62 -13.25
N CYS A 655 26.67 27.83 -14.06
CA CYS A 655 25.84 26.77 -13.50
C CYS A 655 26.70 25.71 -12.81
N ILE A 656 27.81 25.33 -13.43
CA ILE A 656 28.70 24.36 -12.78
C ILE A 656 29.33 24.98 -11.52
N MET A 657 29.66 26.27 -11.57
CA MET A 657 30.18 26.93 -10.39
C MET A 657 29.15 26.93 -9.26
N TRP A 658 27.89 27.18 -9.59
CA TRP A 658 26.83 27.12 -8.58
C TRP A 658 26.68 25.71 -8.03
N ALA A 659 26.80 24.69 -8.89
CA ALA A 659 26.74 23.33 -8.41
C ALA A 659 27.86 23.04 -7.43
N ARG A 660 29.08 23.51 -7.73
CA ARG A 660 30.20 23.34 -6.80
C ARG A 660 29.94 24.08 -5.49
N LEU A 661 29.39 25.28 -5.57
CA LEU A 661 29.05 26.04 -4.37
C LEU A 661 28.07 25.26 -3.49
N GLN A 662 27.02 24.70 -4.11
CA GLN A 662 26.06 23.94 -3.34
C GLN A 662 26.67 22.66 -2.76
N PHE A 663 27.58 22.04 -3.50
CA PHE A 663 28.29 20.89 -2.96
C PHE A 663 29.00 21.26 -1.67
N ASP A 664 29.76 22.36 -1.70
CA ASP A 664 30.43 22.80 -0.48
C ASP A 664 29.42 23.13 0.62
N LYS A 665 28.32 23.78 0.24
CA LYS A 665 27.33 24.19 1.24
C LYS A 665 26.76 23.00 1.98
N PHE A 666 26.42 21.93 1.27
CA PHE A 666 25.62 20.87 1.85
C PHE A 666 26.42 19.64 2.25
N PHE A 667 27.67 19.50 1.82
CA PHE A 667 28.45 18.32 2.16
C PHE A 667 29.78 18.62 2.83
N ASN A 668 30.14 19.88 2.99
CA ASN A 668 31.42 20.21 3.63
C ASN A 668 31.27 21.23 4.75
N ASN A 669 30.38 22.20 4.62
CA ASN A 669 30.31 23.29 5.59
C ASN A 669 29.33 23.00 6.73
N ASN A 670 28.16 22.45 6.42
CA ASN A 670 27.22 22.13 7.48
C ASN A 670 27.80 21.09 8.43
N ILE A 671 28.57 20.13 7.90
CA ILE A 671 29.21 19.14 8.75
C ILE A 671 30.22 19.80 9.67
N GLN A 672 31.00 20.75 9.15
CA GLN A 672 31.96 21.46 9.99
C GLN A 672 31.25 22.24 11.07
N GLN A 673 30.15 22.91 10.74
CA GLN A 673 29.38 23.62 11.77
C GLN A 673 28.88 22.66 12.83
N LEU A 674 28.33 21.52 12.41
CA LEU A 674 27.80 20.56 13.36
C LEU A 674 28.89 20.04 14.29
N LEU A 675 30.07 19.74 13.75
CA LEU A 675 31.16 19.25 14.58
C LEU A 675 31.78 20.37 15.40
N PHE A 676 31.57 21.63 15.04
CA PHE A 676 31.95 22.72 15.92
C PHE A 676 31.00 22.81 17.10
N ASN A 677 29.71 22.57 16.88
CA ASN A 677 28.74 22.63 17.96
C ASN A 677 28.85 21.40 18.86
N PHE A 678 29.04 20.22 18.28
CA PHE A 678 29.09 18.95 19.01
C PHE A 678 30.34 18.18 18.62
N PRO A 679 31.50 18.52 19.19
CA PRO A 679 32.74 17.84 18.81
C PRO A 679 32.63 16.34 18.91
N LYS A 680 33.59 15.62 18.32
CA LYS A 680 33.52 14.16 18.32
C LYS A 680 33.75 13.57 19.71
N ASP A 681 34.38 14.31 20.62
CA ASP A 681 34.67 13.83 21.96
C ASP A 681 33.72 14.38 23.01
N SER A 682 32.61 15.01 22.59
CA SER A 682 31.67 15.55 23.55
C SER A 682 30.89 14.43 24.23
N VAL A 683 30.41 14.72 25.44
CA VAL A 683 29.64 13.78 26.23
C VAL A 683 28.29 14.39 26.55
N THR A 684 27.27 13.53 26.65
CA THR A 684 25.93 14.00 26.95
C THR A 684 25.86 14.55 28.37
N SER A 685 24.68 14.98 28.76
CA SER A 685 24.49 15.50 30.12
C SER A 685 24.69 14.43 31.18
N THR A 686 24.65 13.15 30.79
CA THR A 686 24.82 12.04 31.72
C THR A 686 26.24 11.47 31.71
N GLY A 687 27.16 12.08 30.97
CA GLY A 687 28.53 11.62 30.92
C GLY A 687 28.83 10.57 29.87
N GLN A 688 27.83 10.08 29.15
CA GLN A 688 28.06 9.11 28.11
C GLN A 688 28.54 9.79 26.83
N PRO A 689 29.25 9.06 25.96
CA PRO A 689 29.68 9.65 24.69
C PRO A 689 28.48 10.10 23.86
N PHE A 690 28.65 11.20 23.13
CA PHE A 690 27.55 11.74 22.33
C PHE A 690 27.34 10.92 21.07
N TRP A 691 28.38 10.82 20.23
CA TRP A 691 28.26 10.16 18.93
C TRP A 691 28.43 8.64 19.06
N SER A 692 27.50 8.04 19.80
CA SER A 692 27.51 6.60 20.04
C SER A 692 26.11 6.03 19.82
N GLY A 693 26.03 4.96 19.04
CA GLY A 693 24.78 4.28 18.81
C GLY A 693 24.04 4.81 17.60
N PRO A 694 22.84 5.35 17.81
CA PRO A 694 22.06 5.85 16.67
C PRO A 694 22.68 7.08 16.02
N LYS A 695 23.57 7.79 16.71
CA LYS A 695 24.23 8.98 16.18
C LYS A 695 25.61 8.59 15.68
N ARG A 696 25.86 8.82 14.40
CA ARG A 696 27.14 8.53 13.77
C ARG A 696 27.89 9.84 13.54
N ALA A 697 29.14 9.89 13.95
CA ALA A 697 29.93 11.10 13.80
C ALA A 697 30.20 11.35 12.32
N PRO A 698 29.86 12.51 11.78
CA PRO A 698 30.09 12.78 10.36
C PRO A 698 31.54 13.19 10.09
N THR A 699 31.84 13.36 8.80
CA THR A 699 33.16 13.81 8.38
C THR A 699 32.98 14.65 7.12
N PRO A 700 33.53 15.87 7.07
CA PRO A 700 33.37 16.69 5.87
C PRO A 700 33.96 16.02 4.64
N LEU A 701 33.32 16.25 3.49
CA LEU A 701 33.78 15.72 2.22
C LEU A 701 34.51 16.81 1.44
N SER A 702 35.75 16.52 1.04
CA SER A 702 36.53 17.40 0.20
C SER A 702 36.36 16.98 -1.26
N PHE A 703 36.06 17.94 -2.12
CA PHE A 703 35.71 17.62 -3.50
C PHE A 703 36.88 16.97 -4.22
N ASP A 704 36.57 16.01 -5.09
CA ASP A 704 37.57 15.32 -5.89
C ASP A 704 36.93 14.97 -7.22
N ILE A 705 37.34 15.65 -8.28
CA ILE A 705 36.66 15.51 -9.57
C ILE A 705 36.74 14.08 -10.07
N HIS A 706 37.88 13.41 -9.84
CA HIS A 706 38.04 12.04 -10.33
C HIS A 706 37.05 11.08 -9.68
N ASN A 707 36.70 11.32 -8.42
CA ASN A 707 35.78 10.43 -7.74
C ASN A 707 34.43 10.41 -8.43
N ARG A 708 33.87 9.21 -8.60
CA ARG A 708 32.64 9.06 -9.38
C ARG A 708 31.48 9.80 -8.74
N GLU A 709 31.32 9.68 -7.42
CA GLU A 709 30.14 10.23 -6.76
C GLU A 709 30.11 11.75 -6.87
N HIS A 710 31.25 12.40 -6.60
CA HIS A 710 31.29 13.85 -6.64
C HIS A 710 31.00 14.37 -8.05
N PHE A 711 31.61 13.75 -9.06
CA PHE A 711 31.38 14.16 -10.44
C PHE A 711 29.93 13.94 -10.85
N ASP A 712 29.35 12.80 -10.44
CA ASP A 712 27.95 12.54 -10.75
C ASP A 712 27.05 13.59 -10.12
N PHE A 713 27.31 13.96 -8.87
CA PHE A 713 26.52 15.01 -8.23
C PHE A 713 26.67 16.32 -8.98
N ILE A 714 27.90 16.67 -9.37
CA ILE A 714 28.11 17.93 -10.07
C ILE A 714 27.33 17.96 -11.37
N VAL A 715 27.41 16.86 -12.14
CA VAL A 715 26.73 16.83 -13.43
C VAL A 715 25.23 16.92 -13.23
N ALA A 716 24.68 16.16 -12.28
CA ALA A 716 23.25 16.16 -12.06
C ALA A 716 22.76 17.53 -11.63
N ALA A 717 23.46 18.14 -10.66
CA ALA A 717 23.04 19.45 -10.16
C ALA A 717 23.14 20.52 -11.24
N ALA A 718 24.24 20.51 -12.01
CA ALA A 718 24.38 21.50 -13.08
C ALA A 718 23.30 21.34 -14.13
N SER A 719 23.01 20.09 -14.52
CA SER A 719 21.97 19.85 -15.51
C SER A 719 20.61 20.32 -15.00
N LEU A 720 20.30 20.03 -13.73
CA LEU A 720 19.02 20.46 -13.17
C LEU A 720 18.92 21.98 -13.11
N TYR A 721 20.00 22.65 -12.73
CA TYR A 721 19.98 24.10 -12.71
C TYR A 721 19.77 24.68 -14.11
N ALA A 722 20.47 24.11 -15.09
CA ALA A 722 20.29 24.57 -16.46
C ALA A 722 18.85 24.40 -16.91
N PHE A 723 18.26 23.23 -16.63
CA PHE A 723 16.85 23.03 -16.96
C PHE A 723 15.97 24.04 -16.27
N ASN A 724 16.33 24.42 -15.04
CA ASN A 724 15.57 25.47 -14.35
C ASN A 724 15.64 26.76 -15.12
N TYR A 725 16.82 27.12 -15.63
CA TYR A 725 17.00 28.39 -16.33
C TYR A 725 17.00 28.23 -17.85
N GLY A 726 16.60 27.07 -18.36
CA GLY A 726 16.40 26.90 -19.79
C GLY A 726 17.64 27.12 -20.62
N LEU A 727 18.76 26.53 -20.22
CA LEU A 727 20.00 26.60 -20.96
C LEU A 727 20.28 25.24 -21.61
N LYS A 728 21.29 25.24 -22.48
CA LYS A 728 21.68 24.03 -23.21
C LYS A 728 22.71 23.28 -22.37
N SER A 729 22.25 22.24 -21.68
CA SER A 729 23.14 21.46 -20.83
C SER A 729 24.09 20.64 -21.70
N GLU A 730 25.17 20.17 -21.07
CA GLU A 730 26.17 19.37 -21.74
C GLU A 730 26.57 18.22 -20.83
N THR A 731 27.06 17.13 -21.44
CA THR A 731 27.53 15.97 -20.70
C THR A 731 28.97 15.60 -21.05
N ASP A 732 29.65 16.43 -21.83
CA ASP A 732 31.04 16.14 -22.18
C ASP A 732 31.93 16.39 -20.97
N PRO A 733 32.66 15.40 -20.47
CA PRO A 733 33.48 15.62 -19.26
C PRO A 733 34.55 16.68 -19.44
N ALA A 734 34.96 16.98 -20.67
CA ALA A 734 36.06 17.92 -20.86
C ALA A 734 35.71 19.31 -20.33
N ILE A 735 34.50 19.79 -20.62
CA ILE A 735 34.12 21.12 -20.15
C ILE A 735 34.04 21.14 -18.63
N TYR A 736 33.50 20.07 -18.03
CA TYR A 736 33.44 20.01 -16.57
C TYR A 736 34.83 20.06 -15.95
N GLU A 737 35.75 19.25 -16.49
CA GLU A 737 37.11 19.27 -15.97
C GLU A 737 37.76 20.63 -16.14
N ARG A 738 37.53 21.28 -17.29
CA ARG A 738 38.12 22.60 -17.53
C ARG A 738 37.59 23.62 -16.54
N VAL A 739 36.28 23.61 -16.28
CA VAL A 739 35.67 24.70 -15.52
C VAL A 739 35.81 24.48 -14.01
N LEU A 740 35.85 23.22 -13.55
CA LEU A 740 35.93 22.97 -12.13
C LEU A 740 37.32 23.27 -11.56
N ALA A 741 38.35 23.28 -12.40
CA ALA A 741 39.71 23.50 -11.92
C ALA A 741 40.01 24.96 -11.62
N GLY A 742 39.19 25.89 -12.08
CA GLY A 742 39.44 27.30 -11.87
C GLY A 742 38.62 27.89 -10.75
N TYR A 743 38.09 27.05 -9.86
CA TYR A 743 37.22 27.48 -8.79
C TYR A 743 38.01 27.55 -7.49
N ASN A 744 38.01 28.73 -6.86
CA ASN A 744 38.62 28.92 -5.56
C ASN A 744 37.53 29.08 -4.51
N PRO A 745 37.28 28.07 -3.66
CA PRO A 745 36.18 28.18 -2.70
C PRO A 745 36.39 29.36 -1.77
N PRO A 746 35.35 30.13 -1.48
CA PRO A 746 35.46 31.17 -0.46
C PRO A 746 35.81 30.57 0.89
N PRO A 747 36.63 31.24 1.70
CA PRO A 747 36.98 30.68 3.00
C PRO A 747 35.75 30.55 3.89
N PHE A 748 35.73 29.48 4.70
CA PHE A 748 34.66 29.24 5.65
C PHE A 748 35.24 28.89 7.00
N ALA A 749 34.74 29.55 8.05
CA ALA A 749 35.13 29.28 9.42
C ALA A 749 33.87 29.21 10.27
N PRO A 750 33.65 28.14 11.03
CA PRO A 750 32.43 28.06 11.84
C PRO A 750 32.32 29.24 12.80
N LYS A 751 31.09 29.72 12.97
CA LYS A 751 30.80 30.84 13.85
C LYS A 751 30.18 30.33 15.15
N SER A 752 30.60 30.91 16.26
CA SER A 752 30.10 30.55 17.58
C SER A 752 28.88 31.36 18.00
N GLY A 753 28.41 32.28 17.14
CA GLY A 753 27.28 33.10 17.48
C GLY A 753 27.68 34.41 18.14
N ILE A 754 27.47 34.48 19.46
CA ILE A 754 27.83 35.68 20.22
C ILE A 754 27.14 36.89 19.63
N ALA A 769 15.01 48.74 18.74
CA ALA A 769 14.03 47.81 19.29
C ALA A 769 13.29 47.09 18.17
N ASN A 770 13.10 47.79 17.04
CA ASN A 770 12.44 47.23 15.86
C ASN A 770 13.40 47.23 14.67
N LYS A 771 14.67 46.97 14.94
CA LYS A 771 15.67 46.95 13.87
C LYS A 771 15.37 45.84 12.86
N ASP A 772 14.95 44.67 13.35
CA ASP A 772 14.70 43.55 12.45
C ASP A 772 13.56 43.87 11.47
N LYS A 773 12.48 44.48 11.97
CA LYS A 773 11.38 44.84 11.09
C LYS A 773 11.83 45.82 10.02
N GLN A 774 12.60 46.84 10.42
CA GLN A 774 13.10 47.80 9.44
C GLN A 774 14.03 47.13 8.44
N GLU A 775 14.85 46.20 8.91
CA GLU A 775 15.73 45.46 8.00
C GLU A 775 14.91 44.70 6.97
N LEU A 776 13.86 44.01 7.42
CA LEU A 776 13.02 43.26 6.50
C LEU A 776 12.33 44.19 5.50
N LYS A 777 11.85 45.34 5.97
CA LYS A 777 11.22 46.29 5.06
C LYS A 777 12.21 46.81 4.03
N SER A 778 13.43 47.11 4.46
CA SER A 778 14.46 47.59 3.53
C SER A 778 14.77 46.53 2.49
N ILE A 779 14.87 45.27 2.91
CA ILE A 779 15.11 44.19 1.95
C ILE A 779 13.94 44.08 0.98
N ALA A 780 12.71 44.21 1.50
CA ALA A 780 11.53 44.08 0.64
C ALA A 780 11.50 45.15 -0.43
N ASP A 781 11.62 46.42 -0.03
CA ASP A 781 11.57 47.51 -1.00
C ASP A 781 12.77 47.50 -1.94
N SER A 782 13.87 46.86 -1.55
CA SER A 782 15.02 46.78 -2.44
C SER A 782 14.73 45.96 -3.68
N LEU A 783 13.77 45.06 -3.63
CA LEU A 783 13.44 44.24 -4.78
C LEU A 783 12.77 45.09 -5.87
N PRO A 784 12.90 44.69 -7.13
CA PRO A 784 12.24 45.45 -8.19
C PRO A 784 10.74 45.39 -8.04
N PRO A 785 10.03 46.42 -8.50
CA PRO A 785 8.57 46.41 -8.38
C PRO A 785 7.95 45.34 -9.27
N PRO A 786 6.73 44.89 -8.95
CA PRO A 786 6.10 43.87 -9.79
C PRO A 786 5.97 44.30 -11.25
N SER A 787 5.72 45.58 -11.51
CA SER A 787 5.60 46.04 -12.88
C SER A 787 6.90 45.95 -13.65
N SER A 788 8.04 45.80 -12.97
CA SER A 788 9.32 45.71 -13.66
C SER A 788 9.36 44.49 -14.57
N LEU A 789 8.91 43.34 -14.07
CA LEU A 789 8.88 42.11 -14.84
C LEU A 789 7.43 41.71 -15.09
N VAL A 790 7.09 41.53 -16.37
CA VAL A 790 5.78 41.06 -16.78
C VAL A 790 5.97 39.99 -17.84
N GLY A 791 5.31 38.86 -17.67
CA GLY A 791 5.44 37.75 -18.61
C GLY A 791 6.68 36.91 -18.43
N PHE A 792 7.47 37.15 -17.38
CA PHE A 792 8.68 36.38 -17.13
C PHE A 792 8.36 35.25 -16.17
N ARG A 793 8.69 34.02 -16.58
CA ARG A 793 8.41 32.84 -15.79
C ARG A 793 9.60 31.89 -15.86
N LEU A 794 9.74 31.07 -14.82
CA LEU A 794 10.78 30.05 -14.76
C LEU A 794 10.15 28.70 -14.48
N THR A 795 10.78 27.63 -14.97
CA THR A 795 10.18 26.32 -14.96
C THR A 795 10.69 25.52 -13.75
N PRO A 796 9.84 25.24 -12.77
CA PRO A 796 10.28 24.34 -11.68
C PRO A 796 10.45 22.92 -12.18
N ALA A 797 11.37 22.20 -11.53
CA ALA A 797 11.67 20.82 -11.90
C ALA A 797 10.72 19.88 -11.17
N GLU A 798 10.02 19.04 -11.94
CA GLU A 798 9.12 18.05 -11.39
C GLU A 798 9.80 16.68 -11.34
N PHE A 799 9.19 15.77 -10.58
CA PHE A 799 9.78 14.47 -10.29
C PHE A 799 9.09 13.39 -11.11
N GLU A 800 9.90 12.56 -11.77
CA GLU A 800 9.39 11.44 -12.57
C GLU A 800 10.53 10.44 -12.73
N LYS A 801 10.35 9.47 -13.62
CA LYS A 801 11.32 8.40 -13.87
C LYS A 801 11.71 8.44 -15.35
N ASP A 802 12.68 9.27 -15.68
CA ASP A 802 13.21 9.42 -17.04
C ASP A 802 12.20 10.06 -17.99
N ASP A 803 10.98 10.30 -17.53
CA ASP A 803 10.04 11.07 -18.35
C ASP A 803 10.50 12.51 -18.50
N ASP A 804 10.97 13.10 -17.40
CA ASP A 804 11.67 14.39 -17.42
C ASP A 804 13.11 14.07 -17.04
N SER A 805 13.93 13.74 -18.05
CA SER A 805 15.27 13.21 -17.83
C SER A 805 16.23 14.32 -17.40
N ASN A 806 15.89 14.94 -16.26
CA ASN A 806 16.74 15.95 -15.65
C ASN A 806 17.62 15.36 -14.56
N HIS A 807 17.92 14.07 -14.62
CA HIS A 807 18.76 13.42 -13.62
C HIS A 807 18.11 13.46 -12.24
N HIS A 808 16.78 13.42 -12.19
CA HIS A 808 16.08 13.44 -10.90
C HIS A 808 16.57 12.31 -10.01
N ILE A 809 16.37 11.06 -10.45
CA ILE A 809 16.81 9.93 -9.66
C ILE A 809 18.32 9.93 -9.51
N ASP A 810 19.04 10.35 -10.56
CA ASP A 810 20.50 10.40 -10.47
C ASP A 810 20.94 11.47 -9.47
N PHE A 811 20.30 12.64 -9.49
CA PHE A 811 20.64 13.68 -8.52
C PHE A 811 20.36 13.19 -7.10
N ILE A 812 19.20 12.58 -6.88
CA ILE A 812 18.86 12.11 -5.55
C ILE A 812 19.82 11.03 -5.10
N THR A 813 20.20 10.13 -6.01
CA THR A 813 21.16 9.09 -5.68
C THR A 813 22.50 9.70 -5.28
N ALA A 814 22.97 10.69 -6.04
CA ALA A 814 24.26 11.30 -5.72
C ALA A 814 24.21 12.03 -4.38
N ALA A 815 23.14 12.80 -4.14
CA ALA A 815 23.02 13.51 -2.88
C ALA A 815 22.96 12.55 -1.70
N SER A 816 22.14 11.50 -1.83
CA SER A 816 22.01 10.54 -0.74
C SER A 816 23.31 9.80 -0.50
N ASN A 817 24.02 9.41 -1.56
CA ASN A 817 25.28 8.70 -1.39
C ASN A 817 26.34 9.59 -0.77
N LEU A 818 26.39 10.86 -1.17
CA LEU A 818 27.35 11.78 -0.56
C LEU A 818 27.05 11.97 0.92
N ARG A 819 25.78 12.13 1.28
CA ARG A 819 25.45 12.29 2.69
C ARG A 819 25.70 11.00 3.47
N ALA A 820 25.54 9.84 2.81
CA ALA A 820 25.90 8.59 3.46
C ALA A 820 27.39 8.51 3.73
N MET A 821 28.21 8.91 2.76
CA MET A 821 29.65 8.97 2.98
C MET A 821 30.01 10.01 4.04
N ASN A 822 29.16 11.01 4.24
CA ASN A 822 29.39 11.94 5.35
C ASN A 822 29.31 11.22 6.69
N TYR A 823 28.33 10.34 6.86
CA TYR A 823 28.10 9.62 8.11
C TYR A 823 28.58 8.18 8.04
N ASP A 824 29.35 7.81 7.02
CA ASP A 824 29.88 6.46 6.89
C ASP A 824 28.77 5.42 6.86
N ILE A 825 27.67 5.76 6.19
CA ILE A 825 26.60 4.81 5.94
C ILE A 825 26.90 4.09 4.63
N THR A 826 26.32 2.91 4.47
CA THR A 826 26.53 2.14 3.24
C THR A 826 25.67 2.74 2.13
N PRO A 827 26.28 3.22 1.05
CA PRO A 827 25.48 3.83 -0.02
C PRO A 827 24.66 2.79 -0.78
N ALA A 828 23.62 3.27 -1.45
CA ALA A 828 22.76 2.45 -2.27
C ALA A 828 22.84 2.91 -3.72
N ASP A 829 22.69 1.96 -4.65
CA ASP A 829 22.82 2.25 -6.06
C ASP A 829 21.54 2.92 -6.58
N ARG A 830 21.46 3.10 -7.89
CA ARG A 830 20.32 3.83 -8.46
C ARG A 830 19.04 3.02 -8.38
N PHE A 831 19.13 1.70 -8.41
CA PHE A 831 17.93 0.87 -8.36
C PHE A 831 17.19 1.06 -7.05
N LYS A 832 17.90 0.89 -5.93
CA LYS A 832 17.26 1.04 -4.63
C LYS A 832 16.85 2.49 -4.38
N THR A 833 17.64 3.45 -4.83
CA THR A 833 17.26 4.85 -4.65
C THR A 833 15.97 5.16 -5.41
N LYS A 834 15.83 4.64 -6.63
CA LYS A 834 14.59 4.80 -7.37
C LYS A 834 13.44 4.13 -6.63
N PHE A 835 13.68 2.94 -6.08
CA PHE A 835 12.63 2.24 -5.36
C PHE A 835 12.15 3.05 -4.16
N VAL A 836 13.07 3.62 -3.40
CA VAL A 836 12.71 4.28 -2.14
C VAL A 836 12.14 5.67 -2.42
N ALA A 837 12.88 6.49 -3.16
CA ALA A 837 12.43 7.86 -3.42
C ALA A 837 11.14 7.88 -4.23
N GLY A 838 11.04 7.01 -5.22
CA GLY A 838 9.85 6.98 -6.06
C GLY A 838 8.63 6.36 -5.40
N LYS A 839 8.82 5.68 -4.27
CA LYS A 839 7.72 5.00 -3.58
C LYS A 839 7.05 3.98 -4.50
N ILE A 840 7.87 3.24 -5.24
CA ILE A 840 7.34 2.22 -6.15
C ILE A 840 6.80 1.05 -5.33
N VAL A 841 5.69 0.50 -5.79
CA VAL A 841 5.07 -0.68 -5.18
C VAL A 841 5.50 -1.91 -5.97
N PRO A 842 6.17 -2.88 -5.37
CA PRO A 842 6.49 -4.10 -6.12
C PRO A 842 5.24 -4.76 -6.66
N ALA A 843 5.32 -5.24 -7.90
CA ALA A 843 4.17 -5.78 -8.60
C ALA A 843 4.54 -7.12 -9.23
N MET A 844 3.57 -8.02 -9.25
CA MET A 844 3.71 -9.34 -9.84
C MET A 844 2.49 -9.63 -10.69
N CYS A 845 2.70 -10.37 -11.79
CA CYS A 845 1.58 -10.74 -12.64
C CYS A 845 0.71 -11.81 -11.98
N THR A 846 1.34 -12.74 -11.25
CA THR A 846 0.59 -13.81 -10.63
C THR A 846 -0.35 -13.30 -9.54
N SER A 847 0.13 -12.37 -8.71
CA SER A 847 -0.72 -11.79 -7.69
C SER A 847 -1.91 -11.05 -8.30
N THR A 848 -1.65 -10.32 -9.38
CA THR A 848 -2.73 -9.63 -10.08
C THR A 848 -3.77 -10.63 -10.59
N ALA A 849 -3.30 -11.74 -11.18
CA ALA A 849 -4.24 -12.74 -11.67
C ALA A 849 -5.07 -13.32 -10.54
N VAL A 850 -4.44 -13.62 -9.40
CA VAL A 850 -5.17 -14.23 -8.29
C VAL A 850 -6.21 -13.27 -7.75
N VAL A 851 -5.86 -11.99 -7.57
CA VAL A 851 -6.83 -11.04 -7.02
C VAL A 851 -7.96 -10.82 -8.00
N SER A 852 -7.67 -10.77 -9.30
CA SER A 852 -8.75 -10.64 -10.27
C SER A 852 -9.68 -11.83 -10.23
N GLY A 853 -9.13 -13.04 -10.08
CA GLY A 853 -9.98 -14.22 -9.97
C GLY A 853 -10.88 -14.16 -8.76
N LEU A 854 -10.33 -13.78 -7.61
CA LEU A 854 -11.15 -13.69 -6.40
C LEU A 854 -12.24 -12.63 -6.55
N VAL A 855 -11.89 -11.47 -7.12
CA VAL A 855 -12.87 -10.41 -7.29
C VAL A 855 -13.98 -10.85 -8.23
N CYS A 856 -13.65 -11.55 -9.30
CA CYS A 856 -14.67 -12.03 -10.21
C CYS A 856 -15.49 -13.16 -9.61
N LEU A 857 -14.95 -13.89 -8.63
CA LEU A 857 -15.77 -14.86 -7.91
C LEU A 857 -16.75 -14.19 -6.97
N GLU A 858 -16.38 -13.03 -6.41
CA GLU A 858 -17.32 -12.27 -5.59
C GLU A 858 -18.34 -11.52 -6.44
N LEU A 859 -17.98 -11.19 -7.68
CA LEU A 859 -18.90 -10.45 -8.53
C LEU A 859 -20.17 -11.25 -8.81
N VAL A 860 -20.05 -12.56 -9.00
CA VAL A 860 -21.23 -13.37 -9.25
C VAL A 860 -22.11 -13.45 -8.01
N LYS A 861 -21.53 -13.38 -6.81
CA LYS A 861 -22.34 -13.26 -5.61
C LYS A 861 -23.11 -11.94 -5.63
N LEU A 862 -22.44 -10.85 -5.99
CA LEU A 862 -23.11 -9.56 -6.03
C LEU A 862 -24.24 -9.55 -7.04
N VAL A 863 -24.01 -10.15 -8.21
CA VAL A 863 -25.05 -10.20 -9.25
C VAL A 863 -26.27 -10.95 -8.75
N ASP A 864 -26.05 -12.09 -8.09
CA ASP A 864 -27.16 -12.89 -7.57
C ASP A 864 -27.90 -12.19 -6.44
N GLY A 865 -27.35 -11.12 -5.88
CA GLY A 865 -28.03 -10.39 -4.83
C GLY A 865 -28.17 -11.16 -3.53
N LYS A 866 -27.10 -11.82 -3.10
CA LYS A 866 -27.13 -12.53 -1.83
C LYS A 866 -27.24 -11.55 -0.67
N LYS A 867 -28.03 -11.94 0.34
CA LYS A 867 -28.38 -11.04 1.43
C LYS A 867 -27.76 -11.42 2.76
N LYS A 868 -27.24 -12.63 2.90
CA LYS A 868 -26.62 -13.06 4.15
C LYS A 868 -25.14 -12.75 4.13
N ILE A 869 -24.61 -12.34 5.28
CA ILE A 869 -23.22 -11.91 5.36
C ILE A 869 -22.24 -13.07 5.45
N GLU A 870 -22.74 -14.30 5.67
CA GLU A 870 -21.87 -15.46 5.69
C GLU A 870 -21.60 -16.02 4.30
N GLU A 871 -22.27 -15.51 3.27
CA GLU A 871 -22.07 -15.96 1.90
C GLU A 871 -21.00 -15.19 1.16
N TYR A 872 -20.47 -14.12 1.73
CA TYR A 872 -19.40 -13.35 1.14
C TYR A 872 -18.09 -13.66 1.85
N LYS A 873 -16.99 -13.49 1.12
CA LYS A 873 -15.67 -13.81 1.66
C LYS A 873 -14.69 -12.70 1.25
N ASN A 874 -14.12 -12.04 2.25
CA ASN A 874 -12.91 -11.25 2.06
C ASN A 874 -11.73 -12.20 2.04
N GLY A 875 -10.84 -12.01 1.08
CA GLY A 875 -9.74 -12.94 0.85
C GLY A 875 -8.39 -12.28 1.06
N PHE A 876 -7.47 -13.02 1.67
CA PHE A 876 -6.09 -12.59 1.83
C PHE A 876 -5.20 -13.73 1.40
N PHE A 877 -4.05 -13.40 0.82
CA PHE A 877 -3.14 -14.48 0.42
C PHE A 877 -1.72 -13.95 0.35
N ASN A 878 -0.78 -14.87 0.54
CA ASN A 878 0.64 -14.63 0.34
C ASN A 878 1.19 -15.82 -0.43
N LEU A 879 1.61 -15.60 -1.67
CA LEU A 879 2.06 -16.69 -2.52
C LEU A 879 3.49 -17.12 -2.25
N ALA A 880 4.27 -16.33 -1.52
CA ALA A 880 5.64 -16.72 -1.20
C ALA A 880 5.66 -17.86 -0.19
N ILE A 881 4.65 -17.96 0.66
CA ILE A 881 4.55 -19.01 1.65
C ILE A 881 3.38 -19.95 1.40
N GLY A 882 2.63 -19.73 0.33
CA GLY A 882 1.47 -20.56 0.05
C GLY A 882 0.38 -20.46 1.09
N LEU A 883 0.05 -19.24 1.49
CA LEU A 883 -0.97 -18.99 2.52
C LEU A 883 -2.19 -18.36 1.88
N PHE A 884 -3.36 -18.93 2.15
CA PHE A 884 -4.64 -18.40 1.71
C PHE A 884 -5.59 -18.36 2.90
N THR A 885 -6.30 -17.25 3.06
CA THR A 885 -7.23 -17.07 4.17
C THR A 885 -8.47 -16.38 3.65
N PHE A 886 -9.63 -16.75 4.19
CA PHE A 886 -10.88 -16.12 3.84
C PHE A 886 -11.68 -15.89 5.10
N SER A 887 -12.39 -14.77 5.16
CA SER A 887 -13.16 -14.41 6.34
C SER A 887 -14.40 -13.64 5.93
N ASP A 888 -15.50 -13.85 6.66
CA ASP A 888 -16.72 -13.13 6.35
C ASP A 888 -16.54 -11.64 6.59
N PRO A 889 -17.20 -10.80 5.81
CA PRO A 889 -17.11 -9.35 6.06
C PRO A 889 -17.75 -8.99 7.40
N ILE A 890 -17.28 -7.88 7.97
CA ILE A 890 -17.81 -7.39 9.23
C ILE A 890 -19.13 -6.68 8.97
N ALA A 891 -20.16 -7.06 9.71
CA ALA A 891 -21.46 -6.42 9.57
C ALA A 891 -21.41 -4.98 10.09
N SER A 892 -22.16 -4.11 9.44
CA SER A 892 -22.17 -2.71 9.81
C SER A 892 -22.79 -2.55 11.21
N PRO A 893 -22.25 -1.67 12.04
CA PRO A 893 -22.78 -1.53 13.40
C PRO A 893 -24.15 -0.86 13.40
N LYS A 894 -24.91 -1.14 14.45
CA LYS A 894 -26.21 -0.55 14.68
C LYS A 894 -26.16 0.37 15.88
N MET A 895 -27.17 1.24 15.98
CA MET A 895 -27.24 2.20 17.08
C MET A 895 -28.69 2.48 17.38
N LYS A 896 -28.94 3.13 18.51
CA LYS A 896 -30.28 3.51 18.93
C LYS A 896 -30.42 5.02 18.87
N VAL A 897 -31.37 5.50 18.08
CA VAL A 897 -31.69 6.92 17.98
C VAL A 897 -33.19 7.08 18.18
N ASN A 898 -33.57 7.83 19.20
CA ASN A 898 -34.98 8.07 19.51
C ASN A 898 -35.72 6.75 19.66
N GLY A 899 -35.05 5.76 20.24
CA GLY A 899 -35.64 4.44 20.40
C GLY A 899 -35.90 3.73 19.10
N LYS A 900 -35.02 3.89 18.11
CA LYS A 900 -35.13 3.20 16.84
C LYS A 900 -33.75 2.70 16.43
N GLU A 901 -33.74 1.56 15.73
CA GLU A 901 -32.49 0.97 15.27
C GLU A 901 -32.05 1.66 13.98
N ILE A 902 -30.84 2.21 13.99
CA ILE A 902 -30.31 2.96 12.87
C ILE A 902 -28.94 2.38 12.51
N ASP A 903 -28.72 2.11 11.24
CA ASP A 903 -27.41 1.73 10.77
C ASP A 903 -26.47 2.92 10.80
N LYS A 904 -25.26 2.71 11.30
CA LYS A 904 -24.32 3.81 11.48
C LYS A 904 -23.58 4.19 10.22
N ILE A 905 -23.77 3.46 9.12
CA ILE A 905 -23.02 3.66 7.88
C ILE A 905 -23.94 3.97 6.71
N TRP A 906 -25.02 3.21 6.56
CA TRP A 906 -25.83 3.26 5.35
C TRP A 906 -27.17 3.96 5.58
N ASP A 907 -27.30 4.75 6.64
CA ASP A 907 -28.53 5.47 6.92
C ASP A 907 -28.26 6.97 6.94
N ARG A 908 -29.24 7.73 6.48
CA ARG A 908 -29.10 9.18 6.39
C ARG A 908 -30.48 9.82 6.54
N TYR A 909 -30.48 11.12 6.80
CA TYR A 909 -31.70 11.91 6.84
C TYR A 909 -31.89 12.59 5.49
N ASN A 910 -33.07 12.45 4.93
CA ASN A 910 -33.44 13.11 3.68
C ASN A 910 -34.41 14.23 4.01
N LEU A 911 -33.97 15.47 3.80
CA LEU A 911 -34.74 16.66 4.11
C LEU A 911 -34.78 17.56 2.89
N PRO A 912 -35.81 18.41 2.77
CA PRO A 912 -35.81 19.41 1.69
C PRO A 912 -34.81 20.51 1.96
N ASP A 913 -34.80 21.54 1.11
CA ASP A 913 -33.96 22.71 1.32
C ASP A 913 -34.74 23.69 2.19
N CYS A 914 -34.51 23.61 3.50
CA CYS A 914 -35.25 24.39 4.48
C CYS A 914 -34.31 25.32 5.23
N THR A 915 -34.90 26.34 5.87
CA THR A 915 -34.11 27.30 6.62
C THR A 915 -33.45 26.62 7.81
N LEU A 916 -32.35 27.22 8.27
CA LEU A 916 -31.62 26.64 9.40
C LEU A 916 -32.52 26.50 10.61
N GLN A 917 -33.35 27.51 10.88
CA GLN A 917 -34.26 27.43 12.01
C GLN A 917 -35.24 26.27 11.84
N GLU A 918 -35.75 26.07 10.62
CA GLU A 918 -36.67 24.97 10.38
C GLU A 918 -35.99 23.63 10.60
N LEU A 919 -34.74 23.50 10.16
CA LEU A 919 -34.00 22.25 10.39
C LEU A 919 -33.81 21.99 11.88
N ILE A 920 -33.44 23.04 12.63
CA ILE A 920 -33.25 22.87 14.07
C ILE A 920 -34.55 22.47 14.75
N ASP A 921 -35.65 23.11 14.37
CA ASP A 921 -36.94 22.77 14.97
C ASP A 921 -37.38 21.37 14.57
N TYR A 922 -37.07 20.94 13.35
CA TYR A 922 -37.38 19.58 12.94
C TYR A 922 -36.63 18.58 13.80
N PHE A 923 -35.35 18.81 14.04
CA PHE A 923 -34.60 17.89 14.88
C PHE A 923 -35.05 17.94 16.32
N GLN A 924 -35.54 19.09 16.78
CA GLN A 924 -36.06 19.20 18.14
C GLN A 924 -37.42 18.54 18.29
N LYS A 925 -38.21 18.45 17.23
CA LYS A 925 -39.59 17.99 17.29
C LYS A 925 -39.76 16.54 16.89
N GLU A 926 -39.04 16.06 15.89
CA GLU A 926 -39.22 14.69 15.40
C GLU A 926 -38.27 13.71 16.08
N GLU A 927 -36.98 14.04 16.14
CA GLU A 927 -36.00 13.16 16.77
C GLU A 927 -35.81 13.44 18.26
N GLY A 928 -36.43 14.49 18.79
CA GLY A 928 -36.26 14.79 20.20
C GLY A 928 -34.85 15.16 20.58
N LEU A 929 -34.05 15.62 19.63
CA LEU A 929 -32.65 15.96 19.86
C LEU A 929 -32.42 17.45 19.68
N GLU A 930 -31.46 17.98 20.43
CA GLU A 930 -31.07 19.38 20.34
C GLU A 930 -29.81 19.47 19.49
N VAL A 931 -29.88 20.25 18.42
CA VAL A 931 -28.75 20.39 17.50
C VAL A 931 -27.72 21.30 18.13
N THR A 932 -26.47 20.84 18.20
CA THR A 932 -25.36 21.60 18.77
C THR A 932 -24.35 22.05 17.73
N MET A 933 -23.99 21.20 16.79
CA MET A 933 -23.04 21.56 15.75
C MET A 933 -23.54 21.05 14.40
N LEU A 934 -23.34 21.84 13.36
CA LEU A 934 -23.79 21.51 12.01
C LEU A 934 -22.77 22.05 11.04
N SER A 935 -22.15 21.16 10.26
CA SER A 935 -21.09 21.55 9.34
C SER A 935 -21.30 20.87 8.00
N SER A 936 -20.81 21.52 6.94
CA SER A 936 -20.92 20.99 5.59
C SER A 936 -19.61 21.21 4.87
N GLY A 937 -19.03 20.14 4.32
CA GLY A 937 -17.75 20.25 3.66
C GLY A 937 -16.62 20.43 4.64
N VAL A 938 -16.06 21.63 4.69
CA VAL A 938 -15.03 21.97 5.66
C VAL A 938 -15.42 23.23 6.44
N SER A 939 -16.69 23.59 6.41
CA SER A 939 -17.17 24.83 7.02
C SER A 939 -18.11 24.52 8.18
N LEU A 940 -18.02 25.31 9.24
CA LEU A 940 -18.91 25.19 10.39
C LEU A 940 -20.12 26.09 10.12
N LEU A 941 -21.23 25.48 9.74
CA LEU A 941 -22.43 26.29 9.44
C LEU A 941 -23.05 26.84 10.71
N TYR A 942 -23.17 26.02 11.76
CA TYR A 942 -23.86 26.42 12.97
C TYR A 942 -23.22 25.75 14.16
N ALA A 943 -23.11 26.48 15.26
CA ALA A 943 -22.60 25.93 16.50
C ALA A 943 -23.29 26.64 17.66
N ASN A 944 -23.54 25.89 18.73
CA ASN A 944 -24.30 26.41 19.85
C ASN A 944 -23.57 27.52 20.60
N PHE A 945 -22.25 27.60 20.48
CA PHE A 945 -21.45 28.56 21.22
C PHE A 945 -21.19 29.85 20.46
N GLN A 946 -21.80 30.03 19.29
CA GLN A 946 -21.59 31.24 18.53
C GLN A 946 -22.36 32.41 19.15
N PRO A 947 -21.92 33.65 18.93
CA PRO A 947 -22.59 34.78 19.54
C PRO A 947 -24.01 34.91 19.02
N PRO A 948 -24.93 35.44 19.83
CA PRO A 948 -26.33 35.52 19.38
C PRO A 948 -26.51 36.33 18.10
N LYS A 949 -25.73 37.39 17.91
CA LYS A 949 -25.90 38.23 16.72
C LYS A 949 -25.63 37.43 15.45
N LYS A 950 -24.55 36.66 15.43
CA LYS A 950 -24.21 35.88 14.24
C LYS A 950 -25.33 34.89 13.91
N LEU A 951 -25.82 34.17 14.92
CA LEU A 951 -26.90 33.22 14.68
C LEU A 951 -28.14 33.92 14.18
N ALA A 952 -28.56 34.99 14.86
CA ALA A 952 -29.74 35.73 14.43
C ALA A 952 -29.60 36.19 12.99
N GLU A 953 -28.38 36.50 12.55
CA GLU A 953 -28.15 36.78 11.14
C GLU A 953 -28.33 35.53 10.29
N ARG A 954 -27.89 34.37 10.78
CA ARG A 954 -27.84 33.16 9.98
C ARG A 954 -29.05 32.25 10.14
N LEU A 955 -30.02 32.61 10.97
CA LEU A 955 -31.13 31.70 11.21
C LEU A 955 -32.10 31.64 10.04
N PRO A 956 -32.60 32.77 9.53
CA PRO A 956 -33.63 32.73 8.50
C PRO A 956 -33.13 32.40 7.10
N LEU A 957 -31.90 31.93 6.94
CA LEU A 957 -31.35 31.60 5.62
C LEU A 957 -31.53 30.12 5.33
N LYS A 958 -31.80 29.80 4.06
CA LYS A 958 -31.85 28.42 3.63
C LYS A 958 -30.46 27.79 3.71
N ILE A 959 -30.43 26.46 3.75
CA ILE A 959 -29.16 25.77 3.88
C ILE A 959 -28.26 26.05 2.68
N SER A 960 -28.83 26.05 1.48
CA SER A 960 -28.02 26.34 0.30
C SER A 960 -27.46 27.76 0.37
N GLU A 961 -28.30 28.73 0.73
CA GLU A 961 -27.82 30.10 0.87
C GLU A 961 -26.77 30.21 1.96
N LEU A 962 -26.97 29.51 3.07
CA LEU A 962 -26.00 29.56 4.15
C LEU A 962 -24.64 29.00 3.72
N VAL A 963 -24.65 27.88 3.00
CA VAL A 963 -23.40 27.29 2.54
C VAL A 963 -22.73 28.21 1.54
N GLU A 964 -23.50 28.79 0.61
CA GLU A 964 -22.91 29.71 -0.36
C GLU A 964 -22.30 30.91 0.34
N GLN A 965 -22.98 31.45 1.35
CA GLN A 965 -22.47 32.60 2.07
C GLN A 965 -21.19 32.27 2.81
N ILE A 966 -21.16 31.14 3.52
CA ILE A 966 -20.01 30.82 4.35
C ILE A 966 -18.81 30.44 3.50
N THR A 967 -19.02 29.63 2.46
CA THR A 967 -17.92 29.21 1.61
C THR A 967 -17.54 30.26 0.56
N LYS A 968 -18.34 31.31 0.40
CA LYS A 968 -18.03 32.38 -0.54
C LYS A 968 -17.86 31.84 -1.96
N LYS A 969 -18.74 30.92 -2.35
CA LYS A 969 -18.63 30.30 -3.67
C LYS A 969 -19.99 29.71 -4.04
N LYS A 970 -20.55 30.17 -5.15
CA LYS A 970 -21.86 29.69 -5.58
C LYS A 970 -21.82 28.19 -5.87
N LEU A 971 -22.92 27.51 -5.56
CA LEU A 971 -23.04 26.10 -5.88
C LEU A 971 -23.08 25.90 -7.39
N GLU A 972 -22.49 24.81 -7.84
CA GLU A 972 -22.42 24.55 -9.27
C GLU A 972 -23.79 24.15 -9.82
N PRO A 973 -24.06 24.41 -11.10
CA PRO A 973 -25.37 24.02 -11.66
C PRO A 973 -25.65 22.53 -11.57
N PHE A 974 -24.63 21.69 -11.63
CA PHE A 974 -24.83 20.24 -11.59
C PHE A 974 -25.01 19.71 -10.18
N ARG A 975 -24.84 20.54 -9.16
CA ARG A 975 -24.97 20.08 -7.78
C ARG A 975 -26.44 19.84 -7.47
N LYS A 976 -26.76 18.64 -7.01
CA LYS A 976 -28.13 18.24 -6.73
C LYS A 976 -28.38 17.82 -5.30
N HIS A 977 -27.36 17.87 -4.43
CA HIS A 977 -27.56 17.53 -3.03
C HIS A 977 -26.42 18.10 -2.21
N LEU A 978 -26.65 18.18 -0.91
CA LEU A 978 -25.64 18.56 0.07
C LEU A 978 -25.60 17.51 1.16
N VAL A 979 -24.40 17.22 1.67
CA VAL A 979 -24.22 16.29 2.78
C VAL A 979 -23.78 17.10 3.99
N LEU A 980 -24.55 16.99 5.07
CA LEU A 980 -24.30 17.73 6.30
C LEU A 980 -23.95 16.76 7.42
N GLU A 981 -22.98 17.14 8.24
CA GLU A 981 -22.62 16.42 9.45
C GLU A 981 -23.18 17.19 10.64
N ILE A 982 -23.93 16.49 11.49
CA ILE A 982 -24.65 17.10 12.60
C ILE A 982 -24.28 16.37 13.87
N CYS A 983 -23.93 17.15 14.91
CA CYS A 983 -23.70 16.63 16.25
C CYS A 983 -24.78 17.23 17.16
N CYS A 984 -25.58 16.36 17.76
CA CYS A 984 -26.68 16.79 18.62
C CYS A 984 -26.69 15.97 19.90
N ASP A 985 -27.21 16.57 20.96
CA ASP A 985 -27.26 15.94 22.28
C ASP A 985 -28.71 15.78 22.74
N ASP A 986 -28.96 14.71 23.47
CA ASP A 986 -30.31 14.40 23.92
C ASP A 986 -30.76 15.43 24.95
N ALA A 987 -32.00 15.25 25.43
CA ALA A 987 -32.54 16.17 26.42
C ALA A 987 -31.75 16.13 27.72
N ASN A 988 -31.35 14.93 28.16
CA ASN A 988 -30.63 14.79 29.42
C ASN A 988 -29.23 15.40 29.37
N GLY A 989 -28.73 15.75 28.18
CA GLY A 989 -27.39 16.28 28.04
C GLY A 989 -26.37 15.28 27.54
N GLU A 990 -26.77 14.04 27.26
CA GLU A 990 -25.85 13.05 26.75
C GLU A 990 -25.74 13.18 25.23
N ASP A 991 -24.51 13.34 24.74
CA ASP A 991 -24.30 13.48 23.31
C ASP A 991 -24.72 12.21 22.58
N VAL A 992 -25.41 12.39 21.46
CA VAL A 992 -25.95 11.30 20.67
C VAL A 992 -25.31 11.33 19.29
N GLU A 993 -24.94 10.17 18.78
CA GLU A 993 -24.37 10.05 17.44
C GLU A 993 -25.47 9.73 16.46
N VAL A 994 -25.57 10.53 15.39
CA VAL A 994 -26.66 10.41 14.42
C VAL A 994 -26.07 10.39 13.02
N PRO A 995 -26.80 9.83 12.06
CA PRO A 995 -26.30 9.78 10.68
C PRO A 995 -26.30 11.15 10.03
N PHE A 996 -25.66 11.23 8.87
CA PHE A 996 -25.55 12.49 8.17
C PHE A 996 -26.88 12.87 7.52
N ILE A 997 -26.98 14.12 7.12
CA ILE A 997 -28.19 14.67 6.52
C ILE A 997 -27.95 14.88 5.04
N CYS A 998 -28.96 14.61 4.23
CA CYS A 998 -28.87 14.73 2.77
C CYS A 998 -29.90 15.78 2.33
N ILE A 999 -29.45 17.02 2.17
CA ILE A 999 -30.33 18.10 1.74
C ILE A 999 -30.48 18.03 0.22
N LYS A 1000 -31.72 18.06 -0.25
CA LYS A 1000 -32.03 17.95 -1.67
C LYS A 1000 -32.23 19.35 -2.23
N LEU A 1001 -31.27 19.81 -3.03
CA LEU A 1001 -31.35 21.14 -3.64
C LEU A 1001 -32.39 21.17 -4.76
N MET B 1 -4.16 -23.03 28.65
CA MET B 1 -4.41 -22.87 27.20
C MET B 1 -3.31 -22.03 26.55
N GLN B 2 -2.96 -22.37 25.31
CA GLN B 2 -1.95 -21.68 24.56
C GLN B 2 -2.36 -21.65 23.09
N ILE B 3 -2.22 -20.49 22.45
CA ILE B 3 -2.67 -20.32 21.07
C ILE B 3 -1.51 -19.80 20.23
N PHE B 4 -1.65 -19.97 18.92
CA PHE B 4 -0.65 -19.55 17.95
C PHE B 4 -1.28 -18.56 16.98
N VAL B 5 -0.53 -17.52 16.64
CA VAL B 5 -0.95 -16.50 15.68
C VAL B 5 0.08 -16.49 14.55
N LYS B 6 -0.39 -16.66 13.32
CA LYS B 6 0.47 -16.68 12.15
C LYS B 6 0.22 -15.41 11.34
N THR B 7 1.28 -14.68 11.07
CA THR B 7 1.18 -13.45 10.30
C THR B 7 1.10 -13.78 8.81
N LEU B 8 0.72 -12.78 8.01
CA LEU B 8 0.69 -12.94 6.57
C LEU B 8 2.10 -13.07 5.98
N THR B 9 3.14 -12.80 6.76
CA THR B 9 4.52 -12.92 6.33
C THR B 9 5.21 -14.16 6.90
N GLY B 10 4.47 -15.07 7.52
CA GLY B 10 5.00 -16.34 7.96
C GLY B 10 5.46 -16.38 9.40
N LYS B 11 5.52 -15.25 10.09
CA LYS B 11 5.95 -15.26 11.48
C LYS B 11 4.92 -15.95 12.37
N THR B 12 5.42 -16.61 13.41
CA THR B 12 4.57 -17.33 14.37
C THR B 12 4.75 -16.72 15.75
N ILE B 13 3.63 -16.53 16.45
CA ILE B 13 3.60 -15.92 17.77
C ILE B 13 2.85 -16.86 18.69
N THR B 14 3.39 -17.13 19.87
CA THR B 14 2.77 -18.00 20.85
C THR B 14 2.23 -17.15 22.00
N LEU B 15 0.94 -17.28 22.28
CA LEU B 15 0.27 -16.51 23.30
C LEU B 15 -0.30 -17.42 24.38
N GLU B 16 -0.23 -16.96 25.62
CA GLU B 16 -0.77 -17.67 26.78
C GLU B 16 -2.04 -16.93 27.20
N VAL B 17 -3.20 -17.51 26.90
CA VAL B 17 -4.48 -16.88 27.16
C VAL B 17 -5.42 -17.91 27.79
N GLU B 18 -6.46 -17.40 28.44
CA GLU B 18 -7.51 -18.24 29.01
C GLU B 18 -8.74 -18.18 28.11
N SER B 19 -9.61 -19.17 28.27
CA SER B 19 -10.81 -19.25 27.45
C SER B 19 -11.76 -18.09 27.71
N SER B 20 -11.64 -17.41 28.84
CA SER B 20 -12.53 -16.32 29.20
C SER B 20 -11.98 -14.95 28.82
N ASP B 21 -10.79 -14.88 28.24
CA ASP B 21 -10.22 -13.59 27.87
C ASP B 21 -11.03 -12.95 26.76
N THR B 22 -11.10 -11.63 26.79
CA THR B 22 -11.74 -10.88 25.72
C THR B 22 -10.78 -10.69 24.56
N ILE B 23 -11.35 -10.37 23.40
CA ILE B 23 -10.51 -10.13 22.22
C ILE B 23 -9.60 -8.93 22.44
N ASP B 24 -10.03 -7.98 23.29
CA ASP B 24 -9.20 -6.83 23.58
C ASP B 24 -7.91 -7.24 24.29
N ASN B 25 -8.02 -8.18 25.25
CA ASN B 25 -6.82 -8.65 25.93
C ASN B 25 -5.87 -9.34 24.96
N VAL B 26 -6.41 -10.15 24.04
CA VAL B 26 -5.57 -10.84 23.08
C VAL B 26 -4.88 -9.83 22.16
N LYS B 27 -5.61 -8.80 21.73
CA LYS B 27 -5.01 -7.78 20.90
C LYS B 27 -3.92 -7.01 21.65
N SER B 28 -4.13 -6.77 22.94
CA SER B 28 -3.10 -6.11 23.74
C SER B 28 -1.86 -6.98 23.86
N LYS B 29 -2.04 -8.29 24.05
CA LYS B 29 -0.90 -9.21 24.09
C LYS B 29 -0.15 -9.20 22.76
N ILE B 30 -0.89 -9.22 21.66
CA ILE B 30 -0.24 -9.19 20.35
C ILE B 30 0.50 -7.88 20.15
N GLN B 31 -0.05 -6.77 20.67
CA GLN B 31 0.67 -5.50 20.61
C GLN B 31 1.95 -5.57 21.42
N ASP B 32 1.90 -6.17 22.61
CA ASP B 32 3.11 -6.28 23.43
C ASP B 32 4.17 -7.10 22.72
N LYS B 33 3.78 -8.19 22.06
CA LYS B 33 4.76 -9.05 21.39
C LYS B 33 5.13 -8.57 19.99
N GLU B 34 4.40 -7.62 19.41
CA GLU B 34 4.63 -7.19 18.03
C GLU B 34 4.65 -5.69 17.82
N GLY B 35 4.03 -4.91 18.70
CA GLY B 35 3.98 -3.48 18.50
C GLY B 35 2.92 -3.01 17.54
N ILE B 36 1.94 -3.84 17.23
CA ILE B 36 0.86 -3.48 16.31
C ILE B 36 -0.30 -2.94 17.14
N PRO B 37 -0.75 -1.71 16.93
CA PRO B 37 -1.88 -1.19 17.71
C PRO B 37 -3.12 -2.05 17.53
N PRO B 38 -3.92 -2.23 18.58
CA PRO B 38 -5.09 -3.11 18.45
C PRO B 38 -6.04 -2.71 17.34
N ASP B 39 -6.13 -1.41 17.02
CA ASP B 39 -7.05 -0.97 15.99
C ASP B 39 -6.59 -1.30 14.59
N GLN B 40 -5.34 -1.73 14.41
CA GLN B 40 -4.80 -2.09 13.11
C GLN B 40 -4.62 -3.60 12.95
N GLN B 41 -5.15 -4.40 13.88
CA GLN B 41 -5.00 -5.84 13.85
C GLN B 41 -6.26 -6.48 13.27
N ARG B 42 -6.07 -7.38 12.31
CA ARG B 42 -7.16 -8.15 11.72
C ARG B 42 -6.89 -9.62 11.99
N LEU B 43 -7.65 -10.19 12.93
CA LEU B 43 -7.49 -11.58 13.34
C LEU B 43 -8.59 -12.43 12.73
N ILE B 44 -8.22 -13.62 12.26
CA ILE B 44 -9.14 -14.54 11.61
C ILE B 44 -9.01 -15.90 12.27
N PHE B 45 -10.14 -16.50 12.64
CA PHE B 45 -10.19 -17.85 13.16
C PHE B 45 -11.33 -18.59 12.49
N ALA B 46 -11.00 -19.69 11.80
CA ALA B 46 -12.01 -20.55 11.19
C ALA B 46 -12.97 -19.75 10.31
N GLY B 47 -12.43 -18.80 9.56
CA GLY B 47 -13.23 -18.04 8.64
C GLY B 47 -14.04 -16.91 9.24
N LYS B 48 -13.85 -16.61 10.53
CA LYS B 48 -14.54 -15.52 11.20
C LYS B 48 -13.50 -14.50 11.65
N GLN B 49 -13.75 -13.23 11.37
CA GLN B 49 -12.86 -12.16 11.80
C GLN B 49 -13.23 -11.74 13.23
N LEU B 50 -12.29 -11.89 14.15
CA LEU B 50 -12.57 -11.62 15.55
C LEU B 50 -12.81 -10.13 15.75
N GLU B 51 -13.85 -9.80 16.52
CA GLU B 51 -14.26 -8.43 16.78
C GLU B 51 -14.09 -8.10 18.25
N ASP B 52 -13.83 -6.82 18.53
CA ASP B 52 -13.65 -6.38 19.90
C ASP B 52 -14.95 -6.49 20.69
N GLY B 53 -14.82 -6.69 22.00
CA GLY B 53 -15.95 -6.75 22.89
C GLY B 53 -16.44 -8.14 23.22
N ARG B 54 -15.97 -9.16 22.50
CA ARG B 54 -16.39 -10.54 22.72
C ARG B 54 -15.24 -11.33 23.33
N THR B 55 -15.57 -12.55 23.79
CA THR B 55 -14.60 -13.42 24.44
C THR B 55 -14.22 -14.56 23.49
N LEU B 56 -13.09 -15.21 23.82
CA LEU B 56 -12.62 -16.31 23.00
C LEU B 56 -13.63 -17.45 22.96
N SER B 57 -14.26 -17.74 24.11
CA SER B 57 -15.23 -18.84 24.16
C SER B 57 -16.38 -18.63 23.18
N ASP B 58 -16.65 -17.39 22.77
CA ASP B 58 -17.69 -17.15 21.80
C ASP B 58 -17.34 -17.78 20.46
N TYR B 59 -16.07 -17.74 20.07
CA TYR B 59 -15.62 -18.28 18.80
C TYR B 59 -15.15 -19.72 18.89
N ASN B 60 -15.31 -20.37 20.05
CA ASN B 60 -14.85 -21.74 20.24
C ASN B 60 -13.36 -21.87 19.99
N ILE B 61 -12.59 -20.89 20.46
CA ILE B 61 -11.13 -20.94 20.36
C ILE B 61 -10.62 -21.71 21.56
N GLN B 62 -10.05 -22.88 21.31
CA GLN B 62 -9.52 -23.75 22.34
C GLN B 62 -8.00 -23.85 22.20
N LYS B 63 -7.40 -24.69 23.04
CA LYS B 63 -5.94 -24.78 23.08
C LYS B 63 -5.39 -25.27 21.75
N GLU B 64 -4.21 -24.77 21.40
CA GLU B 64 -3.52 -25.06 20.14
C GLU B 64 -4.28 -24.54 18.93
N SER B 65 -5.20 -23.60 19.12
CA SER B 65 -5.88 -22.98 17.99
C SER B 65 -4.92 -22.07 17.24
N THR B 66 -5.16 -21.92 15.93
CA THR B 66 -4.34 -21.08 15.07
C THR B 66 -5.19 -19.93 14.56
N LEU B 67 -4.74 -18.71 14.83
CA LEU B 67 -5.32 -17.49 14.28
C LEU B 67 -4.40 -16.96 13.19
N HIS B 68 -4.98 -16.17 12.30
CA HIS B 68 -4.23 -15.51 11.23
C HIS B 68 -4.32 -14.01 11.42
N LEU B 69 -3.17 -13.33 11.38
CA LEU B 69 -3.08 -11.89 11.51
C LEU B 69 -2.78 -11.32 10.13
N VAL B 70 -3.73 -10.59 9.56
CA VAL B 70 -3.66 -10.17 8.17
C VAL B 70 -3.77 -8.65 8.11
N LEU B 71 -3.53 -8.11 6.92
CA LEU B 71 -3.66 -6.67 6.68
C LEU B 71 -3.94 -6.43 5.21
N ARG B 72 -4.47 -5.24 4.92
CA ARG B 72 -4.79 -4.85 3.56
C ARG B 72 -3.58 -4.23 2.87
N LEU B 73 -3.62 -4.24 1.54
CA LEU B 73 -2.50 -3.83 0.71
C LEU B 73 -2.99 -2.80 -0.30
N ARG B 74 -2.07 -1.90 -0.71
CA ARG B 74 -2.46 -0.70 -1.43
C ARG B 74 -2.03 -0.67 -2.89
N GLY B 75 -1.39 -1.72 -3.39
CA GLY B 75 -1.00 -1.74 -4.78
C GLY B 75 -2.17 -2.03 -5.69
N GLY B 76 -1.93 -1.92 -6.99
CA GLY B 76 -2.96 -2.22 -7.97
C GLY B 76 -2.68 -1.79 -9.39
N ALA C 2 -13.82 13.95 9.72
CA ALA C 2 -12.98 14.52 10.77
C ALA C 2 -13.68 15.66 11.48
N LEU C 3 -14.76 16.16 10.87
CA LEU C 3 -15.48 17.30 11.45
C LEU C 3 -16.02 16.96 12.83
N LYS C 4 -16.61 15.78 12.98
CA LYS C 4 -17.19 15.40 14.26
C LYS C 4 -16.12 15.28 15.34
N ARG C 5 -14.99 14.66 15.01
CA ARG C 5 -13.89 14.54 15.96
C ARG C 5 -13.38 15.92 16.36
N ILE C 6 -13.19 16.81 15.38
CA ILE C 6 -12.68 18.14 15.68
C ILE C 6 -13.64 18.88 16.60
N ASN C 7 -14.94 18.82 16.30
CA ASN C 7 -15.90 19.53 17.12
C ASN C 7 -15.98 18.94 18.52
N ARG C 8 -15.88 17.62 18.64
CA ARG C 8 -15.90 17.00 19.97
C ARG C 8 -14.70 17.46 20.79
N GLU C 9 -13.51 17.51 20.17
CA GLU C 9 -12.35 18.01 20.90
C GLU C 9 -12.52 19.47 21.29
N LEU C 10 -13.07 20.28 20.38
CA LEU C 10 -13.29 21.68 20.69
C LEU C 10 -14.24 21.85 21.86
N ALA C 11 -15.34 21.09 21.86
CA ALA C 11 -16.28 21.16 22.97
C ALA C 11 -15.64 20.70 24.27
N ASP C 12 -14.85 19.62 24.22
CA ASP C 12 -14.16 19.16 25.42
C ASP C 12 -13.25 20.23 25.97
N LEU C 13 -12.55 20.96 25.09
CA LEU C 13 -11.77 22.11 25.53
C LEU C 13 -12.66 23.16 26.17
N GLY C 14 -13.81 23.43 25.57
CA GLY C 14 -14.69 24.46 26.11
C GLY C 14 -15.23 24.12 27.48
N LYS C 15 -15.67 22.88 27.67
CA LYS C 15 -16.26 22.49 28.95
C LYS C 15 -15.28 22.72 30.10
N ASP C 16 -14.07 22.19 29.96
CA ASP C 16 -13.03 22.38 30.98
C ASP C 16 -11.96 23.30 30.43
N PRO C 17 -11.84 24.54 30.91
CA PRO C 17 -10.82 25.44 30.37
C PRO C 17 -9.43 24.88 30.62
N PRO C 18 -8.50 25.02 29.67
CA PRO C 18 -7.11 24.61 29.94
C PRO C 18 -6.38 25.56 30.86
N SER C 19 -6.91 26.75 31.11
CA SER C 19 -6.26 27.75 31.95
C SER C 19 -5.03 28.32 31.27
N SER C 20 -3.97 27.51 31.17
CA SER C 20 -2.72 27.97 30.59
C SER C 20 -2.69 27.90 29.07
N SER C 21 -3.78 27.43 28.44
CA SER C 21 -3.83 27.33 26.98
C SER C 21 -5.26 27.59 26.53
N SER C 22 -5.39 28.03 25.29
CA SER C 22 -6.70 28.34 24.73
C SER C 22 -6.62 28.20 23.21
N ALA C 23 -7.14 27.08 22.71
CA ALA C 23 -7.13 26.79 21.28
C ALA C 23 -8.54 26.89 20.73
N GLY C 24 -8.66 27.44 19.51
CA GLY C 24 -9.93 27.56 18.86
C GLY C 24 -9.77 27.78 17.36
N PRO C 25 -10.83 27.52 16.59
CA PRO C 25 -10.72 27.63 15.13
C PRO C 25 -10.41 29.04 14.67
N VAL C 26 -10.20 29.21 13.36
CA VAL C 26 -10.03 30.51 12.74
C VAL C 26 -11.24 30.77 11.86
N GLY C 27 -11.85 31.93 12.01
CA GLY C 27 -13.07 32.23 11.26
C GLY C 27 -14.10 31.15 11.48
N ASP C 28 -14.64 30.63 10.38
CA ASP C 28 -15.57 29.52 10.41
C ASP C 28 -14.97 28.27 9.77
N ASP C 29 -13.65 28.10 9.86
CA ASP C 29 -12.97 26.94 9.30
C ASP C 29 -12.57 26.02 10.44
N LEU C 30 -12.86 24.72 10.28
CA LEU C 30 -12.55 23.74 11.31
C LEU C 30 -11.19 23.09 11.13
N PHE C 31 -10.63 23.10 9.93
CA PHE C 31 -9.32 22.51 9.65
C PHE C 31 -8.18 23.49 9.84
N HIS C 32 -8.35 24.50 10.69
CA HIS C 32 -7.28 25.45 10.97
C HIS C 32 -7.55 26.10 12.31
N TRP C 33 -6.70 25.86 13.29
CA TRP C 33 -6.85 26.40 14.62
C TRP C 33 -5.66 27.30 14.96
N GLN C 34 -5.89 28.22 15.89
CA GLN C 34 -4.87 29.12 16.40
C GLN C 34 -4.84 28.96 17.92
N ALA C 35 -3.80 28.32 18.43
CA ALA C 35 -3.67 28.07 19.86
C ALA C 35 -2.75 29.10 20.49
N THR C 36 -2.86 29.22 21.81
CA THR C 36 -2.04 30.14 22.58
C THR C 36 -1.50 29.42 23.80
N ILE C 37 -0.26 29.75 24.17
CA ILE C 37 0.40 29.14 25.32
C ILE C 37 1.08 30.23 26.12
N MET C 38 1.01 30.12 27.45
CA MET C 38 1.70 31.01 28.35
C MET C 38 2.91 30.28 28.94
N GLY C 39 4.07 30.91 28.89
CA GLY C 39 5.29 30.30 29.38
C GLY C 39 5.22 30.02 30.87
N PRO C 40 5.86 28.95 31.32
CA PRO C 40 5.85 28.64 32.76
C PRO C 40 6.45 29.79 33.57
N ALA C 41 5.90 29.98 34.77
CA ALA C 41 6.43 31.01 35.65
C ALA C 41 7.87 30.73 36.04
N ASP C 42 8.18 29.46 36.33
CA ASP C 42 9.54 29.05 36.70
C ASP C 42 10.36 28.67 35.47
N SER C 43 10.43 29.57 34.50
CA SER C 43 11.17 29.31 33.28
C SER C 43 11.59 30.66 32.68
N PRO C 44 12.59 30.66 31.79
CA PRO C 44 12.99 31.93 31.17
C PRO C 44 11.90 32.58 30.36
N TYR C 45 10.89 31.82 29.94
CA TYR C 45 9.81 32.33 29.10
C TYR C 45 8.65 32.91 29.92
N ALA C 46 8.88 33.24 31.18
CA ALA C 46 7.82 33.76 32.03
C ALA C 46 7.27 35.06 31.45
N GLY C 47 5.96 35.23 31.57
CA GLY C 47 5.31 36.42 31.06
C GLY C 47 5.33 36.54 29.56
N GLY C 48 5.18 35.42 28.85
CA GLY C 48 5.16 35.43 27.40
C GLY C 48 3.94 34.72 26.87
N VAL C 49 3.52 35.15 25.69
CA VAL C 49 2.34 34.61 25.01
C VAL C 49 2.79 34.10 23.65
N PHE C 50 2.78 32.79 23.45
CA PHE C 50 3.26 32.16 22.24
C PHE C 50 2.08 31.63 21.44
N PHE C 51 2.00 32.01 20.18
CA PHE C 51 0.92 31.62 19.30
C PHE C 51 1.35 30.45 18.42
N LEU C 52 0.45 29.50 18.23
CA LEU C 52 0.70 28.31 17.42
C LEU C 52 -0.38 28.18 16.37
N SER C 53 0.01 27.69 15.21
CA SER C 53 -0.91 27.36 14.12
C SER C 53 -1.05 25.85 14.02
N ILE C 54 -2.28 25.37 13.98
CA ILE C 54 -2.59 23.94 13.93
C ILE C 54 -3.37 23.68 12.66
N HIS C 55 -2.88 22.78 11.82
CA HIS C 55 -3.57 22.37 10.60
C HIS C 55 -3.93 20.90 10.73
N PHE C 56 -5.23 20.61 10.76
CA PHE C 56 -5.69 19.24 10.81
C PHE C 56 -5.72 18.65 9.41
N PRO C 57 -5.07 17.52 9.15
CA PRO C 57 -5.13 16.92 7.83
C PRO C 57 -6.52 16.37 7.53
N THR C 58 -6.72 16.01 6.26
CA THR C 58 -8.00 15.45 5.85
C THR C 58 -8.30 14.12 6.52
N ASP C 59 -7.28 13.42 7.00
CA ASP C 59 -7.43 12.08 7.58
C ASP C 59 -7.44 12.11 9.10
N TYR C 60 -7.54 13.28 9.71
CA TYR C 60 -7.55 13.35 11.17
C TYR C 60 -8.70 12.52 11.72
N PRO C 61 -8.51 11.80 12.83
CA PRO C 61 -7.32 11.71 13.70
C PRO C 61 -6.33 10.64 13.25
N PHE C 62 -6.47 10.10 12.04
CA PHE C 62 -5.58 9.05 11.59
C PHE C 62 -4.24 9.59 11.08
N LYS C 63 -4.10 10.92 10.98
CA LYS C 63 -2.82 11.54 10.70
C LYS C 63 -2.60 12.68 11.69
N PRO C 64 -1.37 12.90 12.14
CA PRO C 64 -1.14 13.87 13.20
C PRO C 64 -1.44 15.27 12.73
N PRO C 65 -1.89 16.16 13.61
CA PRO C 65 -2.02 17.57 13.23
C PRO C 65 -0.65 18.20 13.02
N LYS C 66 -0.62 19.20 12.14
CA LYS C 66 0.61 19.94 11.84
C LYS C 66 0.61 21.18 12.72
N VAL C 67 1.43 21.15 13.77
CA VAL C 67 1.51 22.23 14.76
C VAL C 67 2.83 22.96 14.55
N ASN C 68 2.75 24.27 14.37
CA ASN C 68 3.94 25.10 14.18
C ASN C 68 3.83 26.35 15.03
N PHE C 69 4.92 26.69 15.72
CA PHE C 69 4.95 27.96 16.43
C PHE C 69 4.87 29.12 15.43
N THR C 70 4.28 30.22 15.88
CA THR C 70 4.20 31.43 15.08
C THR C 70 5.05 32.57 15.61
N THR C 71 5.24 32.66 16.91
CA THR C 71 6.14 33.66 17.48
C THR C 71 7.58 33.17 17.37
N ARG C 72 8.51 34.04 17.78
CA ARG C 72 9.93 33.72 17.78
C ARG C 72 10.32 33.28 19.19
N ILE C 73 10.83 32.06 19.31
CA ILE C 73 11.21 31.49 20.59
C ILE C 73 12.62 30.95 20.49
N TYR C 74 13.43 31.20 21.52
CA TYR C 74 14.83 30.78 21.58
C TYR C 74 14.90 29.49 22.38
N HIS C 75 14.69 28.36 21.69
CA HIS C 75 14.63 27.06 22.34
C HIS C 75 15.45 26.04 21.56
N PRO C 76 16.13 25.12 22.25
CA PRO C 76 16.92 24.12 21.51
C PRO C 76 16.12 23.25 20.56
N ASN C 77 14.87 22.93 20.89
CA ASN C 77 14.07 21.99 20.12
C ASN C 77 13.07 22.66 19.20
N ILE C 78 13.17 23.97 19.01
CA ILE C 78 12.28 24.71 18.12
C ILE C 78 13.16 25.58 17.21
N ASN C 79 13.01 25.41 15.90
CA ASN C 79 13.83 26.12 14.94
C ASN C 79 13.13 27.38 14.47
N SER C 80 13.79 28.10 13.56
CA SER C 80 13.29 29.40 13.12
C SER C 80 11.95 29.31 12.41
N ASN C 81 11.63 28.17 11.80
CA ASN C 81 10.35 27.99 11.14
C ASN C 81 9.24 27.60 12.09
N GLY C 82 9.54 27.45 13.38
CA GLY C 82 8.55 27.08 14.36
C GLY C 82 8.34 25.59 14.52
N SER C 83 8.99 24.76 13.71
CA SER C 83 8.82 23.32 13.84
C SER C 83 9.18 22.86 15.25
N ILE C 84 8.37 21.97 15.78
CA ILE C 84 8.50 21.47 17.14
C ILE C 84 8.99 20.04 17.08
N CYS C 85 9.99 19.70 17.90
CA CYS C 85 10.53 18.35 17.96
C CYS C 85 9.78 17.59 19.04
N LEU C 86 8.70 16.92 18.63
CA LEU C 86 7.88 16.12 19.52
C LEU C 86 7.62 14.78 18.87
N ASP C 87 7.79 13.71 19.65
CA ASP C 87 7.63 12.36 19.10
C ASP C 87 6.19 12.08 18.71
N ILE C 88 5.22 12.63 19.45
CA ILE C 88 3.82 12.31 19.21
C ILE C 88 3.25 13.04 18.00
N LEU C 89 4.06 13.81 17.27
CA LEU C 89 3.59 14.54 16.11
C LEU C 89 4.11 13.97 14.79
N ARG C 90 5.07 13.04 14.83
CA ARG C 90 5.67 12.50 13.62
C ARG C 90 5.37 11.02 13.44
N ASP C 91 5.72 10.18 14.42
CA ASP C 91 5.59 8.74 14.27
C ASP C 91 4.97 8.04 15.48
N GLN C 92 4.85 8.72 16.63
CA GLN C 92 4.21 8.15 17.80
C GLN C 92 2.75 8.58 17.93
N TRP C 93 2.23 9.29 16.94
CA TRP C 93 0.84 9.72 16.99
C TRP C 93 -0.09 8.51 16.91
N SER C 94 -1.13 8.54 17.74
CA SER C 94 -2.16 7.52 17.73
C SER C 94 -3.52 8.19 17.76
N PRO C 95 -4.56 7.57 17.18
CA PRO C 95 -5.88 8.22 17.18
C PRO C 95 -6.55 8.18 18.54
N ALA C 96 -5.82 8.56 19.59
CA ALA C 96 -6.38 8.67 20.93
C ALA C 96 -5.85 9.88 21.67
N LEU C 97 -5.06 10.73 21.01
CA LEU C 97 -4.47 11.91 21.64
C LEU C 97 -5.27 13.13 21.24
N THR C 98 -5.74 13.88 22.23
CA THR C 98 -6.46 15.12 21.99
C THR C 98 -5.46 16.27 21.88
N ILE C 99 -5.94 17.40 21.34
CA ILE C 99 -5.09 18.58 21.24
C ILE C 99 -4.68 19.07 22.62
N SER C 100 -5.49 18.80 23.64
CA SER C 100 -5.12 19.16 25.00
C SER C 100 -3.84 18.44 25.42
N LYS C 101 -3.72 17.16 25.06
CA LYS C 101 -2.49 16.43 25.34
C LYS C 101 -1.31 17.06 24.62
N VAL C 102 -1.50 17.47 23.37
CA VAL C 102 -0.41 18.09 22.62
C VAL C 102 0.02 19.38 23.29
N LEU C 103 -0.94 20.20 23.73
CA LEU C 103 -0.59 21.46 24.38
C LEU C 103 0.12 21.22 25.71
N LEU C 104 -0.32 20.21 26.48
CA LEU C 104 0.39 19.87 27.70
C LEU C 104 1.81 19.42 27.40
N SER C 105 1.99 18.62 26.35
CA SER C 105 3.33 18.18 25.97
C SER C 105 4.21 19.37 25.59
N ILE C 106 3.66 20.32 24.84
CA ILE C 106 4.44 21.48 24.43
C ILE C 106 4.80 22.32 25.64
N SER C 107 3.88 22.50 26.58
CA SER C 107 4.20 23.26 27.79
C SER C 107 5.28 22.56 28.59
N SER C 108 5.21 21.22 28.70
CA SER C 108 6.27 20.49 29.39
C SER C 108 7.60 20.66 28.67
N LEU C 109 7.58 20.64 27.33
CA LEU C 109 8.80 20.85 26.57
C LEU C 109 9.42 22.21 26.88
N LEU C 110 8.58 23.25 26.90
CA LEU C 110 9.07 24.57 27.28
C LEU C 110 9.60 24.57 28.71
N THR C 111 9.04 23.73 29.59
CA THR C 111 9.48 23.70 30.97
C THR C 111 10.93 23.26 31.08
N ASP C 112 11.33 22.23 30.31
CA ASP C 112 12.69 21.73 30.37
C ASP C 112 13.17 21.27 28.99
N PRO C 113 14.09 22.00 28.35
CA PRO C 113 14.56 21.58 27.04
C PRO C 113 15.44 20.34 27.13
N ASN C 114 15.58 19.67 25.98
CA ASN C 114 16.38 18.46 25.86
C ASN C 114 17.54 18.70 24.90
N PRO C 115 18.73 19.07 25.39
CA PRO C 115 19.87 19.29 24.51
C PRO C 115 20.59 18.02 24.09
N ASP C 116 20.16 16.84 24.56
CA ASP C 116 20.83 15.61 24.17
C ASP C 116 20.49 15.18 22.75
N ASP C 117 19.31 15.53 22.26
CA ASP C 117 18.87 15.22 20.91
C ASP C 117 18.27 16.49 20.29
N PRO C 118 19.11 17.49 20.03
CA PRO C 118 18.58 18.81 19.68
C PRO C 118 18.14 18.90 18.23
N LEU C 119 17.35 19.94 17.97
CA LEU C 119 16.97 20.31 16.61
C LEU C 119 17.74 21.52 16.11
N VAL C 120 18.19 22.38 17.00
CA VAL C 120 19.03 23.53 16.68
C VAL C 120 20.35 23.38 17.41
N PRO C 121 21.38 22.84 16.76
CA PRO C 121 22.65 22.58 17.47
C PRO C 121 23.28 23.82 18.08
N GLU C 122 23.09 25.00 17.50
CA GLU C 122 23.71 26.20 18.07
C GLU C 122 23.18 26.48 19.47
N ILE C 123 21.86 26.50 19.62
CA ILE C 123 21.26 26.79 20.91
C ILE C 123 21.56 25.68 21.90
N ALA C 124 21.60 24.44 21.42
CA ALA C 124 21.94 23.32 22.30
C ALA C 124 23.37 23.46 22.82
N HIS C 125 24.30 23.87 21.95
CA HIS C 125 25.67 24.09 22.39
C HIS C 125 25.76 25.21 23.42
N VAL C 126 25.04 26.31 23.17
CA VAL C 126 25.03 27.40 24.14
C VAL C 126 24.47 26.92 25.48
N TYR C 127 23.40 26.14 25.44
CA TYR C 127 22.80 25.62 26.67
C TYR C 127 23.76 24.72 27.43
N LYS C 128 24.48 23.85 26.70
CA LYS C 128 25.39 22.94 27.36
C LYS C 128 26.63 23.64 27.90
N THR C 129 27.06 24.72 27.24
CA THR C 129 28.30 25.39 27.63
C THR C 129 28.06 26.55 28.59
N ASP C 130 27.27 27.53 28.18
CA ASP C 130 27.06 28.76 28.95
C ASP C 130 25.57 28.87 29.27
N ARG C 131 25.17 28.39 30.45
CA ARG C 131 23.76 28.43 30.83
C ARG C 131 23.25 29.85 30.99
N SER C 132 24.06 30.72 31.61
CA SER C 132 23.61 32.08 31.87
C SER C 132 23.31 32.83 30.57
N ARG C 133 24.16 32.66 29.57
CA ARG C 133 23.92 33.31 28.28
C ARG C 133 22.63 32.79 27.66
N TYR C 134 22.37 31.49 27.78
CA TYR C 134 21.11 30.94 27.27
C TYR C 134 19.92 31.57 27.98
N GLU C 135 20.01 31.71 29.31
CA GLU C 135 18.92 32.33 30.06
C GLU C 135 18.69 33.76 29.59
N LEU C 136 19.76 34.53 29.46
CA LEU C 136 19.62 35.92 29.04
C LEU C 136 19.03 36.02 27.64
N SER C 137 19.50 35.17 26.72
CA SER C 137 18.99 35.22 25.35
C SER C 137 17.51 34.83 25.31
N ALA C 138 17.12 33.81 26.08
CA ALA C 138 15.71 33.43 26.12
C ALA C 138 14.85 34.55 26.67
N ARG C 139 15.30 35.20 27.75
CA ARG C 139 14.54 36.30 28.32
C ARG C 139 14.40 37.44 27.33
N GLU C 140 15.49 37.79 26.64
CA GLU C 140 15.42 38.88 25.68
C GLU C 140 14.49 38.54 24.53
N TRP C 141 14.57 37.31 24.02
CA TRP C 141 13.70 36.92 22.91
C TRP C 141 12.24 36.94 23.33
N THR C 142 11.92 36.45 24.53
CA THR C 142 10.53 36.44 24.95
C THR C 142 10.01 37.85 25.22
N ARG C 143 10.86 38.74 25.74
CA ARG C 143 10.43 40.12 25.98
C ARG C 143 10.42 40.96 24.71
N LYS C 144 11.05 40.49 23.63
CA LYS C 144 11.05 41.22 22.38
C LYS C 144 10.06 40.67 21.35
N TYR C 145 9.60 39.43 21.52
CA TYR C 145 8.71 38.80 20.56
C TYR C 145 7.46 38.19 21.17
N ALA C 146 7.46 37.83 22.45
CA ALA C 146 6.34 37.12 23.07
C ALA C 146 5.59 37.99 24.08
N ILE C 147 5.75 39.31 24.00
CA ILE C 147 5.02 40.24 24.86
C ILE C 147 4.33 41.26 23.97
N GLY C 148 3.04 41.47 24.21
CA GLY C 148 2.26 42.42 23.43
C GLY C 148 0.93 41.86 22.98
N GLY D 1 12.78 12.96 22.93
CA GLY D 1 12.91 12.98 21.48
C GLY D 1 13.27 14.34 20.93
P AMP E . -1.19 0.03 -10.84
O1P AMP E . -0.24 1.01 -10.19
O2P AMP E . -0.48 -0.91 -11.77
O5' AMP E . -2.27 0.85 -11.67
C5' AMP E . -3.05 1.79 -10.95
C4' AMP E . -4.00 2.46 -11.92
O4' AMP E . -4.95 3.26 -11.17
C3' AMP E . -3.34 3.39 -12.94
O3' AMP E . -3.88 3.14 -14.23
C2' AMP E . -3.74 4.78 -12.46
O2' AMP E . -3.85 5.74 -13.50
C1' AMP E . -5.08 4.52 -11.81
N9 AMP E . -5.47 5.52 -10.81
C8 AMP E . -4.81 5.80 -9.68
N7 AMP E . -5.43 6.79 -8.99
C5 AMP E . -6.53 7.13 -9.69
C6 AMP E . -7.63 8.10 -9.53
N6 AMP E . -7.69 8.91 -8.45
N1 AMP E . -8.58 8.14 -10.49
C2 AMP E . -8.54 7.34 -11.57
N3 AMP E . -7.56 6.44 -11.77
C4 AMP E . -6.55 6.30 -10.88
N01 A1AIV F . 13.49 14.38 19.63
C02 A1AIV F . 13.85 15.64 19.02
C03 A1AIV F . 13.30 15.64 17.60
C04 A1AIV F . 11.97 14.90 17.65
C05 A1AIV F . 11.15 15.10 16.38
N06 A1AIV F . 10.54 15.26 15.44
#